data_6N2X
#
_entry.id   6N2X
#
_cell.length_a   135.822
_cell.length_b   145.712
_cell.length_c   148.554
_cell.angle_alpha   90.00
_cell.angle_beta   90.00
_cell.angle_gamma   90.00
#
_symmetry.space_group_name_H-M   'I 2 2 2'
#
loop_
_entity.id
_entity.type
_entity.pdbx_description
1 polymer 'Fab 2G12 light chain'
2 polymer 'Fab 2G12 heavy chain'
3 branched alpha-D-mannopyranose-(1-2)-alpha-D-mannopyranose-(1-2)-alpha-D-mannopyranose-(1-3)-[alpha-D-mannopyranose-(1-2)-alpha-D-mannopyranose-(1-3)-[alpha-D-mannopyranose-(1-2)-alpha-D-mannopyranose-(1-6)]alpha-D-mannopyranose-(1-6)]beta-D-mannopyranose-(1-4)-2-acetamido-2-deoxy-beta-D-glucopyranose-(1-4)-2-acetamido-2-deoxy-beta-D-glucopyranose
#
loop_
_entity_poly.entity_id
_entity_poly.type
_entity_poly.pdbx_seq_one_letter_code
_entity_poly.pdbx_strand_id
1 'polypeptide(L)'
;DVVMTQSPSTLSASVGDTITITCRASQSIETWLAWYQQKPGKAPKLLIYKASTLKTGVPSRFSGSGSGTEFTLTISGLQF
DDFATYHCQHYAGYSATFGQGTRVEIKRTVAAPSVFIFPPSDEQLKSGTASVVCLLNNFYPREAKVQWKVDNALQSGNSQ
ESVTEQDSKDSTYSLSSTLTLSKADYEKHKVYACEVTHQGLSSPVTKSFNRGE
;
L,K
2 'polypeptide(L)'
;EVQLVESGGGLVKAGGSLILSCGVSNFRISAHTMNWVRRVPGGGLEWVASISTSSTYRDYADAVKGRFTVSRDDLEDFVY
LQMHKMRVEDTAIYYCARKGSDRLSDNDPFDAWGPGTVVTVSPASTKGPSVFPLAPSSKSTSGGTAALGCLVKDYFPEPV
TVSWNSGALTSGVHTFPAVLQSSGLYSLSSVVTVPSSSLGTQTYICNVNHKPSNTKVDKKVEPK
;
H,M
#
loop_
_chem_comp.id
_chem_comp.type
_chem_comp.name
_chem_comp.formula
BMA D-saccharide, beta linking beta-D-mannopyranose 'C6 H12 O6'
MAN D-saccharide, alpha linking alpha-D-mannopyranose 'C6 H12 O6'
NAG D-saccharide, beta linking 2-acetamido-2-deoxy-beta-D-glucopyranose 'C8 H15 N O6'
#
# COMPACT_ATOMS: atom_id res chain seq x y z
N ASP A 1 30.85 -4.22 13.94
CA ASP A 1 30.78 -5.46 13.17
C ASP A 1 31.25 -6.67 13.99
N VAL A 2 30.31 -7.20 14.75
CA VAL A 2 30.42 -8.51 15.39
C VAL A 2 29.64 -9.48 14.51
N VAL A 3 30.24 -10.63 14.18
CA VAL A 3 29.52 -11.65 13.43
C VAL A 3 29.35 -12.88 14.32
N MET A 4 28.11 -13.36 14.37
CA MET A 4 27.70 -14.53 15.13
C MET A 4 27.42 -15.71 14.21
N THR A 5 27.94 -16.89 14.56
CA THR A 5 27.75 -18.11 13.76
C THR A 5 27.12 -19.20 14.61
N GLN A 6 25.92 -19.65 14.21
CA GLN A 6 25.25 -20.76 14.87
C GLN A 6 25.52 -22.07 14.12
N SER A 7 25.46 -23.17 14.87
CA SER A 7 25.70 -24.51 14.33
C SER A 7 24.88 -25.51 15.13
N PRO A 8 24.10 -26.38 14.48
CA PRO A 8 23.92 -26.46 13.03
C PRO A 8 22.82 -25.52 12.55
N SER A 9 22.62 -25.43 11.23
CA SER A 9 21.51 -24.65 10.72
C SER A 9 20.18 -25.36 10.96
N THR A 10 20.16 -26.68 10.82
CA THR A 10 18.99 -27.50 11.11
C THR A 10 19.41 -28.63 12.03
N LEU A 11 18.66 -28.82 13.12
CA LEU A 11 18.91 -29.88 14.09
C LEU A 11 17.69 -30.77 14.16
N SER A 12 17.86 -32.06 13.84
CA SER A 12 16.77 -33.02 13.87
C SER A 12 16.93 -33.95 15.08
N ALA A 13 15.88 -34.09 15.87
CA ALA A 13 15.97 -34.88 17.09
C ALA A 13 14.60 -35.46 17.42
N SER A 14 14.60 -36.38 18.39
CA SER A 14 13.40 -37.01 18.93
C SER A 14 12.99 -36.39 20.24
N VAL A 15 11.69 -36.52 20.56
CA VAL A 15 11.20 -36.12 21.87
C VAL A 15 12.01 -36.81 22.97
N GLY A 16 12.36 -36.05 24.00
CA GLY A 16 13.14 -36.56 25.10
C GLY A 16 14.63 -36.45 24.93
N ASP A 17 15.12 -36.10 23.75
CA ASP A 17 16.56 -36.04 23.54
C ASP A 17 17.15 -34.87 24.30
N THR A 18 18.45 -34.98 24.59
CA THR A 18 19.26 -33.84 25.03
C THR A 18 20.06 -33.33 23.84
N ILE A 19 19.87 -32.06 23.48
CA ILE A 19 20.51 -31.50 22.31
C ILE A 19 21.27 -30.24 22.71
N THR A 20 22.26 -29.89 21.90
CA THR A 20 23.04 -28.67 22.09
C THR A 20 23.09 -27.88 20.80
N ILE A 21 22.98 -26.57 20.90
CA ILE A 21 23.15 -25.63 19.79
C ILE A 21 24.34 -24.75 20.14
N THR A 22 25.24 -24.55 19.19
CA THR A 22 26.44 -23.79 19.42
C THR A 22 26.36 -22.45 18.69
N CYS A 23 26.93 -21.43 19.32
CA CYS A 23 27.01 -20.10 18.76
C CYS A 23 28.45 -19.62 18.96
N ARG A 24 29.09 -19.16 17.88
CA ARG A 24 30.47 -18.70 17.91
C ARG A 24 30.53 -17.24 17.51
N ALA A 25 31.26 -16.45 18.30
CA ALA A 25 31.46 -15.03 18.02
C ALA A 25 32.82 -14.84 17.35
N SER A 26 32.87 -13.93 16.38
CA SER A 26 34.12 -13.70 15.65
C SER A 26 35.17 -13.01 16.51
N GLN A 27 34.79 -12.44 17.64
CA GLN A 27 35.73 -11.87 18.60
C GLN A 27 35.10 -11.97 19.98
N SER A 28 35.92 -11.77 21.01
CA SER A 28 35.41 -11.94 22.36
C SER A 28 34.31 -10.93 22.67
N ILE A 29 33.22 -11.42 23.26
CA ILE A 29 32.09 -10.59 23.65
C ILE A 29 31.78 -10.85 25.13
N GLU A 30 32.77 -11.39 25.85
CA GLU A 30 32.61 -11.73 27.26
C GLU A 30 31.41 -12.66 27.47
N THR A 31 30.44 -12.27 28.30
CA THR A 31 29.22 -13.05 28.46
C THR A 31 27.98 -12.30 28.01
N TRP A 32 28.15 -11.35 27.08
CA TRP A 32 27.05 -10.52 26.58
C TRP A 32 26.30 -11.27 25.47
N LEU A 33 25.63 -12.36 25.87
CA LEU A 33 24.96 -13.24 24.93
C LEU A 33 23.60 -13.67 25.47
N ALA A 34 22.60 -13.64 24.59
CA ALA A 34 21.24 -14.05 24.94
C ALA A 34 20.76 -15.11 23.95
N TRP A 35 19.78 -15.88 24.38
CA TRP A 35 19.17 -16.93 23.57
C TRP A 35 17.67 -16.69 23.50
N TYR A 36 17.11 -16.78 22.30
CA TYR A 36 15.69 -16.65 22.07
C TYR A 36 15.11 -17.88 21.40
N GLN A 37 13.85 -18.16 21.74
CA GLN A 37 13.03 -19.11 21.00
C GLN A 37 12.05 -18.38 20.13
N GLN A 38 11.75 -18.93 18.95
CA GLN A 38 10.75 -18.32 18.07
C GLN A 38 10.05 -19.45 17.34
N LYS A 39 8.81 -19.47 17.45
CA LYS A 39 7.91 -20.34 16.74
C LYS A 39 7.41 -19.65 15.47
N PRO A 40 7.05 -20.39 14.43
CA PRO A 40 6.66 -19.74 13.17
C PRO A 40 5.47 -18.80 13.34
N GLY A 41 5.61 -17.58 12.82
CA GLY A 41 4.56 -16.58 12.88
C GLY A 41 4.33 -15.93 14.22
N LYS A 42 5.15 -16.24 15.21
CA LYS A 42 4.98 -15.71 16.56
C LYS A 42 6.14 -14.78 16.89
N ALA A 43 6.06 -14.15 18.06
CA ALA A 43 7.17 -13.29 18.45
C ALA A 43 8.28 -14.12 19.11
N PRO A 44 9.53 -13.67 18.99
CA PRO A 44 10.61 -14.27 19.79
C PRO A 44 10.33 -14.16 21.28
N LYS A 45 10.82 -15.16 22.01
CA LYS A 45 10.71 -15.23 23.46
C LYS A 45 12.10 -15.38 24.07
N LEU A 46 12.41 -14.49 25.02
CA LEU A 46 13.70 -14.54 25.68
C LEU A 46 13.80 -15.77 26.57
N LEU A 47 14.87 -16.55 26.38
CA LEU A 47 15.16 -17.72 27.19
C LEU A 47 16.26 -17.48 28.22
N ILE A 48 17.42 -17.00 27.77
CA ILE A 48 18.61 -16.88 28.60
C ILE A 48 19.32 -15.58 28.22
N TYR A 49 19.95 -14.97 29.22
CA TYR A 49 20.77 -13.78 29.02
C TYR A 49 21.99 -13.88 29.94
N LYS A 50 22.92 -12.95 29.76
CA LYS A 50 24.25 -13.07 30.35
C LYS A 50 24.83 -14.48 30.19
N ALA A 51 24.69 -15.05 28.99
CA ALA A 51 25.26 -16.34 28.62
C ALA A 51 24.58 -17.52 29.31
N SER A 52 24.30 -17.38 30.63
CA SER A 52 23.83 -18.51 31.41
C SER A 52 22.70 -18.22 32.39
N THR A 53 22.19 -16.99 32.47
CA THR A 53 21.14 -16.67 33.43
C THR A 53 19.78 -17.00 32.84
N LEU A 54 19.04 -17.88 33.52
CA LEU A 54 17.71 -18.26 33.06
C LEU A 54 16.71 -17.17 33.43
N LYS A 55 15.94 -16.71 32.44
CA LYS A 55 14.89 -15.74 32.70
C LYS A 55 13.77 -16.38 33.53
N THR A 56 13.24 -15.62 34.48
CA THR A 56 12.21 -16.15 35.38
C THR A 56 11.06 -16.71 34.56
N GLY A 57 10.60 -17.91 34.94
CA GLY A 57 9.51 -18.57 34.26
C GLY A 57 9.93 -19.50 33.14
N VAL A 58 11.15 -19.38 32.65
CA VAL A 58 11.62 -20.29 31.61
C VAL A 58 11.91 -21.65 32.23
N PRO A 59 11.49 -22.76 31.63
CA PRO A 59 11.69 -24.07 32.27
C PRO A 59 13.16 -24.38 32.46
N SER A 60 13.44 -25.15 33.51
CA SER A 60 14.83 -25.40 33.91
C SER A 60 15.55 -26.31 32.93
N ARG A 61 14.85 -27.00 32.04
CA ARG A 61 15.53 -27.83 31.05
C ARG A 61 16.32 -27.00 30.04
N PHE A 62 16.13 -25.69 30.00
CA PHE A 62 16.97 -24.81 29.19
C PHE A 62 18.15 -24.34 30.03
N SER A 63 19.33 -24.37 29.43
CA SER A 63 20.52 -23.85 30.10
C SER A 63 21.52 -23.41 29.04
N GLY A 64 22.36 -22.46 29.41
CA GLY A 64 23.36 -21.94 28.51
C GLY A 64 24.69 -21.80 29.20
N SER A 65 25.76 -21.85 28.42
CA SER A 65 27.10 -21.72 28.96
C SER A 65 28.00 -21.12 27.89
N GLY A 66 29.23 -20.83 28.29
CA GLY A 66 30.22 -20.29 27.38
C GLY A 66 30.66 -18.89 27.76
N SER A 67 31.80 -18.46 27.21
CA SER A 67 32.27 -17.09 27.33
C SER A 67 33.34 -16.86 26.27
N GLY A 68 33.61 -15.59 25.99
CA GLY A 68 34.58 -15.26 24.99
C GLY A 68 34.03 -15.38 23.59
N THR A 69 34.32 -16.48 22.91
CA THR A 69 33.88 -16.66 21.52
C THR A 69 33.04 -17.91 21.30
N GLU A 70 32.89 -18.78 22.29
CA GLU A 70 32.19 -20.06 22.12
C GLU A 70 31.08 -20.18 23.15
N PHE A 71 29.85 -20.35 22.68
CA PHE A 71 28.69 -20.44 23.55
C PHE A 71 27.83 -21.61 23.12
N THR A 72 27.07 -22.16 24.07
CA THR A 72 26.23 -23.31 23.81
C THR A 72 24.90 -23.15 24.52
N LEU A 73 23.82 -23.54 23.83
CA LEU A 73 22.50 -23.68 24.43
C LEU A 73 22.18 -25.17 24.50
N THR A 74 21.82 -25.65 25.69
CA THR A 74 21.44 -27.04 25.92
C THR A 74 19.99 -27.15 26.32
N ILE A 75 19.27 -28.08 25.70
CA ILE A 75 17.90 -28.44 26.07
C ILE A 75 17.95 -29.88 26.56
N SER A 76 17.73 -30.08 27.86
CA SER A 76 17.91 -31.38 28.53
C SER A 76 16.55 -32.06 28.68
N GLY A 77 16.17 -32.83 27.68
CA GLY A 77 14.88 -33.49 27.67
C GLY A 77 13.88 -32.76 26.81
N LEU A 78 14.06 -32.85 25.49
CA LEU A 78 13.23 -32.13 24.56
C LEU A 78 11.76 -32.48 24.75
N GLN A 79 10.91 -31.47 24.87
CA GLN A 79 9.47 -31.64 24.82
C GLN A 79 8.92 -31.13 23.49
N PHE A 80 7.70 -31.58 23.17
CA PHE A 80 7.08 -31.23 21.89
C PHE A 80 7.00 -29.71 21.70
N ASP A 81 6.80 -28.96 22.78
CA ASP A 81 6.67 -27.51 22.69
C ASP A 81 7.98 -26.82 22.30
N ASP A 82 9.10 -27.53 22.41
CA ASP A 82 10.40 -26.94 22.15
C ASP A 82 10.82 -26.99 20.70
N PHE A 83 10.10 -27.71 19.84
CA PHE A 83 10.46 -27.71 18.44
C PHE A 83 10.05 -26.38 17.81
N ALA A 84 11.05 -25.63 17.34
CA ALA A 84 10.95 -24.21 17.03
C ALA A 84 12.31 -23.76 16.52
N THR A 85 12.43 -22.49 16.16
CA THR A 85 13.73 -21.93 15.81
C THR A 85 14.32 -21.23 17.03
N TYR A 86 15.64 -21.34 17.18
CA TYR A 86 16.37 -20.70 18.27
C TYR A 86 17.44 -19.77 17.71
N HIS A 87 17.52 -18.57 18.30
CA HIS A 87 18.44 -17.53 17.85
C HIS A 87 19.38 -17.15 18.98
N CYS A 88 20.68 -17.02 18.66
CA CYS A 88 21.59 -16.42 19.63
C CYS A 88 21.80 -14.96 19.26
N GLN A 89 22.19 -14.16 20.26
CA GLN A 89 22.32 -12.73 20.05
C GLN A 89 23.42 -12.16 20.94
N HIS A 90 24.36 -11.44 20.33
CA HIS A 90 25.21 -10.54 21.07
C HIS A 90 24.49 -9.22 21.22
N TYR A 91 24.34 -8.75 22.45
CA TYR A 91 23.65 -7.50 22.71
C TYR A 91 24.61 -6.56 23.43
N ALA A 92 24.73 -5.35 22.90
CA ALA A 92 25.51 -4.30 23.54
C ALA A 92 24.55 -3.21 23.96
N GLY A 93 25.10 -2.12 24.49
CA GLY A 93 24.25 -1.12 25.10
C GLY A 93 23.27 -0.54 24.09
N TYR A 94 23.73 -0.30 22.86
CA TYR A 94 22.91 0.35 21.86
C TYR A 94 22.83 -0.42 20.54
N SER A 95 23.31 -1.66 20.48
CA SER A 95 23.25 -2.42 19.25
C SER A 95 23.17 -3.90 19.59
N ALA A 96 22.92 -4.71 18.56
CA ALA A 96 22.86 -6.16 18.70
C ALA A 96 23.21 -6.81 17.37
N THR A 97 23.48 -8.11 17.42
CA THR A 97 23.64 -8.90 16.21
C THR A 97 23.20 -10.32 16.50
N PHE A 98 22.60 -10.97 15.50
CA PHE A 98 22.06 -12.31 15.66
C PHE A 98 22.83 -13.31 14.81
N GLY A 99 22.83 -14.56 15.26
CA GLY A 99 23.18 -15.67 14.40
C GLY A 99 22.11 -15.89 13.34
N GLN A 100 22.33 -16.90 12.51
CA GLN A 100 21.40 -17.15 11.41
C GLN A 100 20.19 -17.97 11.86
N GLY A 101 20.19 -18.44 13.09
CA GLY A 101 19.10 -19.25 13.62
C GLY A 101 19.30 -20.74 13.39
N THR A 102 18.79 -21.53 14.32
CA THR A 102 18.80 -22.98 14.23
C THR A 102 17.38 -23.48 14.37
N ARG A 103 16.89 -24.17 13.34
CA ARG A 103 15.56 -24.78 13.37
C ARG A 103 15.67 -26.18 13.93
N VAL A 104 14.97 -26.44 15.03
CA VAL A 104 14.96 -27.74 15.68
C VAL A 104 13.67 -28.46 15.29
N GLU A 105 13.80 -29.64 14.69
CA GLU A 105 12.67 -30.38 14.13
C GLU A 105 12.67 -31.82 14.66
N ILE A 106 11.54 -32.49 14.45
CA ILE A 106 11.37 -33.88 14.82
C ILE A 106 12.03 -34.78 13.78
N LYS A 107 12.85 -35.72 14.24
CA LYS A 107 13.59 -36.57 13.32
C LYS A 107 12.71 -37.74 12.88
N ARG A 108 12.81 -38.10 11.60
CA ARG A 108 12.16 -39.28 11.07
C ARG A 108 12.97 -39.77 9.88
N THR A 109 12.54 -40.88 9.29
CA THR A 109 13.24 -41.38 8.12
C THR A 109 12.98 -40.48 6.93
N VAL A 110 13.89 -40.55 5.95
CA VAL A 110 13.70 -39.83 4.69
C VAL A 110 12.44 -40.32 3.99
N ALA A 111 11.65 -39.38 3.46
CA ALA A 111 10.43 -39.70 2.73
C ALA A 111 10.37 -38.84 1.49
N ALA A 112 10.26 -39.47 0.31
CA ALA A 112 10.20 -38.66 -0.90
C ALA A 112 8.81 -38.03 -1.10
N PRO A 113 8.76 -36.83 -1.69
CA PRO A 113 7.48 -36.20 -1.99
C PRO A 113 6.72 -36.94 -3.10
N SER A 114 5.40 -37.01 -2.96
CA SER A 114 4.52 -37.31 -4.07
C SER A 114 4.17 -36.02 -4.79
N VAL A 115 4.43 -35.96 -6.11
CA VAL A 115 4.33 -34.72 -6.88
C VAL A 115 3.08 -34.78 -7.76
N PHE A 116 2.34 -33.67 -7.79
CA PHE A 116 1.14 -33.52 -8.61
C PHE A 116 1.12 -32.13 -9.24
N ILE A 117 0.69 -32.05 -10.50
CA ILE A 117 0.54 -30.77 -11.19
C ILE A 117 -0.91 -30.59 -11.62
N PHE A 118 -1.41 -29.36 -11.43
CA PHE A 118 -2.77 -28.99 -11.77
C PHE A 118 -2.78 -27.84 -12.76
N PRO A 119 -3.45 -27.96 -13.90
CA PRO A 119 -3.56 -26.83 -14.83
C PRO A 119 -4.58 -25.82 -14.32
N PRO A 120 -4.58 -24.61 -14.86
CA PRO A 120 -5.60 -23.63 -14.46
C PRO A 120 -6.99 -24.11 -14.85
N SER A 121 -7.96 -23.80 -13.99
CA SER A 121 -9.34 -24.12 -14.32
C SER A 121 -9.81 -23.26 -15.49
N ASP A 122 -10.74 -23.81 -16.27
CA ASP A 122 -11.30 -23.08 -17.40
C ASP A 122 -11.95 -21.79 -16.92
N GLU A 123 -12.65 -21.83 -15.80
CA GLU A 123 -13.31 -20.66 -15.24
C GLU A 123 -12.29 -19.53 -15.02
N GLN A 124 -11.25 -19.81 -14.22
CA GLN A 124 -10.20 -18.84 -13.96
C GLN A 124 -9.53 -18.36 -15.25
N LEU A 125 -9.29 -19.26 -16.19
CA LEU A 125 -8.58 -18.91 -17.42
C LEU A 125 -9.32 -17.86 -18.25
N LYS A 126 -10.65 -17.89 -18.21
CA LYS A 126 -11.47 -16.93 -18.94
C LYS A 126 -11.40 -15.52 -18.36
N SER A 127 -11.09 -15.38 -17.07
CA SER A 127 -10.94 -14.07 -16.44
C SER A 127 -9.63 -13.37 -16.78
N GLY A 128 -8.67 -14.05 -17.39
CA GLY A 128 -7.44 -13.44 -17.83
C GLY A 128 -6.20 -13.76 -17.02
N THR A 129 -6.27 -14.67 -16.06
CA THR A 129 -5.15 -15.05 -15.23
C THR A 129 -5.05 -16.56 -15.20
N ALA A 130 -3.83 -17.10 -15.28
CA ALA A 130 -3.60 -18.54 -15.27
C ALA A 130 -2.75 -18.90 -14.05
N SER A 131 -3.33 -19.65 -13.11
CA SER A 131 -2.60 -20.20 -11.99
C SER A 131 -2.35 -21.68 -12.21
N VAL A 132 -1.08 -22.06 -12.33
CA VAL A 132 -0.66 -23.46 -12.41
C VAL A 132 -0.04 -23.86 -11.09
N VAL A 133 -0.51 -24.95 -10.50
CA VAL A 133 -0.13 -25.33 -9.13
C VAL A 133 0.61 -26.66 -9.16
N CYS A 134 1.74 -26.71 -8.48
CA CYS A 134 2.54 -27.93 -8.29
C CYS A 134 2.52 -28.27 -6.81
N LEU A 135 2.25 -29.54 -6.49
CA LEU A 135 2.14 -29.99 -5.10
C LEU A 135 3.19 -31.03 -4.76
N LEU A 136 3.92 -30.80 -3.67
CA LEU A 136 4.87 -31.75 -3.09
C LEU A 136 4.31 -32.26 -1.76
N ASN A 137 3.92 -33.53 -1.71
CA ASN A 137 3.15 -34.05 -0.58
C ASN A 137 4.00 -34.97 0.30
N ASN A 138 4.01 -34.67 1.60
CA ASN A 138 4.50 -35.59 2.64
C ASN A 138 5.95 -36.01 2.41
N PHE A 139 6.84 -35.02 2.44
CA PHE A 139 8.26 -35.31 2.25
C PHE A 139 9.06 -34.94 3.49
N TYR A 140 10.27 -35.49 3.57
CA TYR A 140 11.17 -35.22 4.68
C TYR A 140 12.59 -35.56 4.24
N PRO A 141 13.59 -34.69 4.51
CA PRO A 141 13.54 -33.46 5.29
C PRO A 141 12.94 -32.28 4.51
N ARG A 142 13.03 -31.09 5.10
CA ARG A 142 12.27 -29.94 4.61
C ARG A 142 12.86 -29.39 3.31
N GLU A 143 14.15 -29.63 3.05
CA GLU A 143 14.81 -29.00 1.93
C GLU A 143 14.31 -29.62 0.63
N ALA A 144 13.70 -28.80 -0.22
CA ALA A 144 13.28 -29.23 -1.55
C ALA A 144 13.44 -28.07 -2.51
N LYS A 145 13.59 -28.40 -3.80
CA LYS A 145 13.75 -27.40 -4.84
C LYS A 145 12.72 -27.66 -5.91
N VAL A 146 12.00 -26.61 -6.30
CA VAL A 146 11.02 -26.68 -7.37
C VAL A 146 11.44 -25.71 -8.46
N GLN A 147 11.46 -26.18 -9.70
CA GLN A 147 11.72 -25.31 -10.85
C GLN A 147 10.60 -25.46 -11.86
N TRP A 148 10.10 -24.33 -12.37
CA TRP A 148 9.08 -24.34 -13.39
C TRP A 148 9.76 -24.19 -14.75
N LYS A 149 9.27 -24.93 -15.72
CA LYS A 149 9.75 -24.81 -17.09
C LYS A 149 8.55 -24.74 -18.01
N VAL A 150 8.53 -23.73 -18.87
CA VAL A 150 7.49 -23.56 -19.87
C VAL A 150 8.16 -23.68 -21.22
N ASP A 151 7.77 -24.69 -22.00
CA ASP A 151 8.44 -25.02 -23.25
C ASP A 151 9.94 -25.12 -23.03
N ASN A 152 10.31 -25.81 -21.95
CA ASN A 152 11.69 -26.06 -21.54
C ASN A 152 12.42 -24.77 -21.15
N ALA A 153 11.68 -23.68 -20.91
CA ALA A 153 12.25 -22.39 -20.53
C ALA A 153 12.12 -22.22 -19.02
N LEU A 154 13.26 -22.10 -18.33
CA LEU A 154 13.27 -21.92 -16.88
C LEU A 154 12.60 -20.61 -16.48
N GLN A 155 11.56 -20.71 -15.65
CA GLN A 155 10.86 -19.53 -15.16
C GLN A 155 11.57 -18.93 -13.95
N SER A 156 11.31 -17.65 -13.73
CA SER A 156 11.95 -16.92 -12.63
C SER A 156 11.09 -15.70 -12.29
N GLY A 157 10.74 -15.56 -11.01
CA GLY A 157 10.06 -14.37 -10.55
C GLY A 157 8.55 -14.41 -10.68
N ASN A 158 7.99 -15.47 -11.23
CA ASN A 158 6.54 -15.57 -11.43
C ASN A 158 5.94 -16.72 -10.64
N SER A 159 6.57 -17.12 -9.53
CA SER A 159 6.04 -18.18 -8.71
C SER A 159 6.18 -17.82 -7.24
N GLN A 160 5.28 -18.38 -6.43
CA GLN A 160 5.34 -18.28 -4.98
C GLN A 160 5.17 -19.67 -4.37
N GLU A 161 5.77 -19.86 -3.21
CA GLU A 161 5.77 -21.15 -2.53
C GLU A 161 5.16 -20.98 -1.15
N SER A 162 4.59 -22.07 -0.63
CA SER A 162 4.16 -22.09 0.75
C SER A 162 4.40 -23.49 1.31
N VAL A 163 4.80 -23.54 2.57
CA VAL A 163 5.15 -24.80 3.22
C VAL A 163 4.39 -24.90 4.55
N THR A 164 3.92 -26.10 4.85
CA THR A 164 3.21 -26.39 6.08
C THR A 164 4.20 -26.60 7.23
N GLU A 165 3.67 -26.57 8.45
CA GLU A 165 4.46 -27.07 9.56
C GLU A 165 4.52 -28.59 9.51
N GLN A 166 5.44 -29.12 10.31
CA GLN A 166 5.62 -30.56 10.37
C GLN A 166 4.29 -31.19 10.75
N ASP A 167 3.86 -32.17 9.95
CA ASP A 167 2.59 -32.84 10.18
C ASP A 167 2.53 -33.53 11.54
N SER A 168 1.40 -33.37 12.22
CA SER A 168 1.26 -33.87 13.58
C SER A 168 1.26 -35.40 13.64
N LYS A 169 0.88 -36.10 12.57
CA LYS A 169 0.86 -37.56 12.58
C LYS A 169 2.09 -38.22 12.00
N ASP A 170 2.61 -37.73 10.88
CA ASP A 170 3.72 -38.38 10.21
C ASP A 170 4.98 -37.54 10.13
N SER A 171 4.98 -36.35 10.74
CA SER A 171 6.16 -35.49 10.86
C SER A 171 6.71 -35.08 9.50
N THR A 172 5.89 -35.14 8.45
CA THR A 172 6.34 -34.69 7.15
C THR A 172 5.96 -33.23 6.92
N TYR A 173 6.49 -32.69 5.83
CA TYR A 173 6.16 -31.38 5.32
C TYR A 173 5.46 -31.51 3.98
N SER A 174 4.68 -30.50 3.62
CA SER A 174 4.12 -30.41 2.29
C SER A 174 4.35 -29.00 1.78
N LEU A 175 4.41 -28.87 0.46
CA LEU A 175 4.76 -27.62 -0.18
C LEU A 175 3.89 -27.40 -1.40
N SER A 176 3.44 -26.15 -1.58
CA SER A 176 2.71 -25.76 -2.78
C SER A 176 3.42 -24.60 -3.46
N SER A 177 3.54 -24.70 -4.78
CA SER A 177 4.13 -23.65 -5.61
C SER A 177 3.12 -23.25 -6.66
N THR A 178 2.86 -21.94 -6.78
CA THR A 178 1.88 -21.44 -7.74
C THR A 178 2.57 -20.55 -8.77
N LEU A 179 2.45 -20.93 -10.04
CA LEU A 179 2.93 -20.13 -11.16
C LEU A 179 1.77 -19.34 -11.75
N THR A 180 1.89 -18.01 -11.77
CA THR A 180 0.82 -17.13 -12.21
C THR A 180 1.21 -16.44 -13.51
N LEU A 181 0.30 -16.47 -14.49
CA LEU A 181 0.53 -15.87 -15.81
C LEU A 181 -0.78 -15.32 -16.36
N SER A 182 -0.68 -14.23 -17.11
CA SER A 182 -1.84 -13.69 -17.81
C SER A 182 -2.36 -14.67 -18.84
N LYS A 183 -3.66 -14.59 -19.13
CA LYS A 183 -4.26 -15.42 -20.18
C LYS A 183 -3.46 -15.35 -21.46
N ALA A 184 -2.96 -14.17 -21.82
CA ALA A 184 -2.22 -14.03 -23.06
C ALA A 184 -0.94 -14.86 -23.01
N ASP A 185 -0.12 -14.66 -21.97
CA ASP A 185 1.14 -15.38 -21.87
C ASP A 185 0.94 -16.87 -21.72
N TYR A 186 -0.12 -17.29 -21.02
CA TYR A 186 -0.34 -18.73 -20.83
C TYR A 186 -0.62 -19.43 -22.16
N GLU A 187 -1.41 -18.80 -23.04
CA GLU A 187 -1.73 -19.37 -24.34
C GLU A 187 -0.61 -19.23 -25.37
N LYS A 188 0.51 -18.62 -25.00
CA LYS A 188 1.66 -18.53 -25.90
C LYS A 188 2.49 -19.80 -25.95
N HIS A 189 2.33 -20.69 -24.98
CA HIS A 189 3.19 -21.85 -24.88
C HIS A 189 2.35 -23.11 -24.69
N LYS A 190 3.00 -24.26 -24.89
CA LYS A 190 2.31 -25.54 -24.92
C LYS A 190 2.55 -26.38 -23.67
N VAL A 191 3.81 -26.69 -23.36
CA VAL A 191 4.15 -27.63 -22.29
C VAL A 191 4.44 -26.87 -21.00
N TYR A 192 3.74 -27.24 -19.93
CA TYR A 192 3.97 -26.68 -18.60
C TYR A 192 4.41 -27.78 -17.65
N ALA A 193 5.54 -27.58 -16.97
CA ALA A 193 6.14 -28.62 -16.14
C ALA A 193 6.77 -28.04 -14.89
N CYS A 194 6.67 -28.76 -13.78
CA CYS A 194 7.43 -28.46 -12.56
C CYS A 194 8.40 -29.60 -12.30
N GLU A 195 9.66 -29.25 -12.08
CA GLU A 195 10.72 -30.20 -11.81
C GLU A 195 11.13 -30.12 -10.35
N VAL A 196 11.18 -31.25 -9.68
CA VAL A 196 11.32 -31.32 -8.22
C VAL A 196 12.60 -32.09 -7.95
N THR A 197 13.44 -31.55 -7.08
CA THR A 197 14.57 -32.29 -6.53
C THR A 197 14.48 -32.38 -5.02
N HIS A 198 14.97 -33.49 -4.46
CA HIS A 198 14.82 -33.75 -3.05
C HIS A 198 15.73 -34.91 -2.67
N GLN A 199 16.17 -34.91 -1.41
CA GLN A 199 17.10 -35.93 -0.92
C GLN A 199 16.56 -37.35 -1.07
N GLY A 200 15.24 -37.52 -1.02
CA GLY A 200 14.57 -38.79 -1.18
C GLY A 200 14.39 -39.29 -2.59
N LEU A 201 14.79 -38.50 -3.56
CA LEU A 201 14.68 -38.81 -4.98
C LEU A 201 16.07 -39.04 -5.56
N SER A 202 16.26 -40.18 -6.22
CA SER A 202 17.57 -40.45 -6.81
C SER A 202 17.82 -39.59 -8.04
N SER A 203 16.76 -39.13 -8.70
CA SER A 203 16.88 -38.17 -9.78
C SER A 203 15.68 -37.23 -9.67
N PRO A 204 15.80 -36.02 -10.23
CA PRO A 204 14.67 -35.07 -10.12
C PRO A 204 13.45 -35.64 -10.82
N VAL A 205 12.28 -35.33 -10.28
CA VAL A 205 11.01 -35.77 -10.85
C VAL A 205 10.34 -34.57 -11.51
N THR A 206 9.80 -34.81 -12.70
CA THR A 206 9.12 -33.79 -13.49
C THR A 206 7.71 -34.28 -13.78
N LYS A 207 6.74 -33.43 -13.48
CA LYS A 207 5.35 -33.64 -13.89
C LYS A 207 4.97 -32.53 -14.87
N SER A 208 4.27 -32.90 -15.94
CA SER A 208 3.98 -31.95 -16.99
C SER A 208 2.59 -32.21 -17.55
N PHE A 209 2.09 -31.22 -18.29
CA PHE A 209 0.86 -31.37 -19.05
C PHE A 209 0.93 -30.51 -20.30
N ASN A 210 0.15 -30.90 -21.30
CA ASN A 210 0.03 -30.12 -22.51
C ASN A 210 -1.26 -29.32 -22.44
N ARG A 211 -1.16 -28.01 -22.65
CA ARG A 211 -2.32 -27.13 -22.57
C ARG A 211 -3.44 -27.62 -23.50
N GLY A 212 -4.62 -27.85 -22.92
CA GLY A 212 -5.73 -28.38 -23.68
C GLY A 212 -5.83 -29.89 -23.76
N GLU A 213 -4.91 -30.63 -23.14
CA GLU A 213 -4.83 -32.10 -23.15
C GLU A 213 -4.23 -32.59 -24.46
N GLU B 1 1.85 -9.74 30.62
CA GLU B 1 1.13 -8.51 30.86
C GLU B 1 1.59 -7.40 29.94
N VAL B 2 2.90 -7.26 29.80
CA VAL B 2 3.44 -6.24 28.91
C VAL B 2 3.14 -6.62 27.47
N GLN B 3 2.84 -5.62 26.65
CA GLN B 3 2.49 -5.87 25.25
C GLN B 3 3.02 -4.75 24.38
N LEU B 4 3.36 -5.10 23.15
CA LEU B 4 3.73 -4.14 22.12
C LEU B 4 2.98 -4.51 20.85
N VAL B 5 2.69 -3.50 20.03
CA VAL B 5 1.96 -3.75 18.79
C VAL B 5 2.42 -2.83 17.68
N GLU B 6 2.90 -3.40 16.57
CA GLU B 6 3.31 -2.61 15.43
C GLU B 6 2.12 -2.28 14.53
N SER B 7 2.17 -1.11 13.92
CA SER B 7 1.22 -0.70 12.90
C SER B 7 1.96 -0.15 11.68
N GLY B 8 1.29 -0.19 10.54
CA GLY B 8 1.82 0.44 9.35
C GLY B 8 2.43 -0.44 8.28
N GLY B 9 2.49 -1.75 8.46
CA GLY B 9 3.05 -2.59 7.43
C GLY B 9 2.18 -2.65 6.20
N GLY B 10 2.71 -3.28 5.17
CA GLY B 10 1.98 -3.49 3.94
C GLY B 10 2.94 -3.67 2.77
N LEU B 11 2.40 -3.50 1.56
CA LEU B 11 3.19 -3.61 0.34
C LEU B 11 3.74 -2.26 -0.11
N VAL B 12 5.02 -2.23 -0.47
CA VAL B 12 5.69 -1.04 -0.97
C VAL B 12 6.46 -1.43 -2.23
N LYS B 13 6.52 -0.52 -3.19
CA LYS B 13 7.37 -0.70 -4.35
C LYS B 13 8.80 -0.24 -4.04
N ALA B 14 9.77 -0.94 -4.64
CA ALA B 14 11.17 -0.57 -4.47
C ALA B 14 11.39 0.91 -4.74
N GLY B 15 12.22 1.53 -3.89
CA GLY B 15 12.46 2.95 -3.95
C GLY B 15 11.47 3.77 -3.15
N GLY B 16 10.34 3.19 -2.77
CA GLY B 16 9.32 3.90 -2.04
C GLY B 16 9.64 4.02 -0.56
N SER B 17 8.70 4.64 0.16
CA SER B 17 8.85 4.92 1.58
C SER B 17 7.68 4.30 2.34
N LEU B 18 7.95 3.86 3.57
CA LEU B 18 6.92 3.33 4.44
C LEU B 18 7.30 3.64 5.87
N ILE B 19 6.30 4.02 6.67
CA ILE B 19 6.53 4.37 8.08
C ILE B 19 5.79 3.38 8.97
N LEU B 20 6.52 2.80 9.93
CA LEU B 20 5.95 1.91 10.93
C LEU B 20 5.83 2.63 12.26
N SER B 21 4.91 2.16 13.10
CA SER B 21 4.81 2.63 14.48
C SER B 21 4.66 1.45 15.43
N CYS B 22 4.91 1.72 16.71
CA CYS B 22 4.85 0.72 17.76
C CYS B 22 4.20 1.37 18.97
N GLY B 23 3.12 0.76 19.48
CA GLY B 23 2.54 1.16 20.75
C GLY B 23 2.63 0.04 21.78
N VAL B 24 2.34 0.40 23.03
CA VAL B 24 2.59 -0.49 24.15
C VAL B 24 1.38 -0.49 25.08
N SER B 25 1.37 -1.49 25.97
CA SER B 25 0.36 -1.63 27.01
C SER B 25 1.04 -2.07 28.30
N ASN B 26 0.64 -1.45 29.42
CA ASN B 26 1.00 -1.89 30.77
C ASN B 26 2.43 -1.57 31.16
N PHE B 27 3.09 -0.65 30.46
CA PHE B 27 4.36 -0.09 30.92
C PHE B 27 4.61 1.21 30.17
N ARG B 28 5.56 1.98 30.68
CA ARG B 28 5.97 3.23 30.04
C ARG B 28 7.30 3.01 29.33
N ILE B 29 7.39 3.53 28.10
CA ILE B 29 8.62 3.34 27.33
C ILE B 29 9.76 4.22 27.82
N SER B 30 9.49 5.25 28.62
CA SER B 30 10.48 6.30 28.83
C SER B 30 11.76 5.75 29.45
N ALA B 31 11.66 4.71 30.26
CA ALA B 31 12.85 4.15 30.90
C ALA B 31 13.59 3.16 30.01
N HIS B 32 13.09 2.87 28.81
CA HIS B 32 13.62 1.77 28.01
C HIS B 32 14.25 2.25 26.71
N THR B 33 15.40 1.69 26.38
CA THR B 33 15.86 1.67 25.00
C THR B 33 14.92 0.81 24.16
N MET B 34 14.47 1.35 23.04
CA MET B 34 13.53 0.66 22.16
C MET B 34 14.24 0.28 20.86
N ASN B 35 13.84 -0.87 20.30
CA ASN B 35 14.55 -1.45 19.18
C ASN B 35 13.58 -1.89 18.09
N TRP B 36 14.07 -1.90 16.85
CA TRP B 36 13.43 -2.61 15.75
C TRP B 36 14.30 -3.79 15.31
N VAL B 37 13.65 -4.92 15.07
CA VAL B 37 14.29 -6.13 14.60
C VAL B 37 13.42 -6.66 13.46
N ARG B 38 14.04 -7.31 12.47
CA ARG B 38 13.27 -7.89 11.40
C ARG B 38 13.65 -9.34 11.17
N ARG B 39 12.65 -10.12 10.76
CA ARG B 39 12.81 -11.53 10.42
C ARG B 39 12.72 -11.68 8.91
N VAL B 40 13.85 -11.97 8.28
CA VAL B 40 13.91 -12.05 6.82
C VAL B 40 13.31 -13.39 6.38
N PRO B 41 12.98 -13.56 5.10
CA PRO B 41 12.32 -14.81 4.68
C PRO B 41 13.11 -16.07 4.98
N GLY B 42 14.44 -16.00 4.99
CA GLY B 42 15.24 -17.18 5.30
C GLY B 42 15.12 -17.67 6.72
N GLY B 43 14.54 -16.89 7.62
CA GLY B 43 14.26 -17.31 8.97
C GLY B 43 15.07 -16.61 10.04
N GLY B 44 16.21 -16.01 9.67
CA GLY B 44 17.04 -15.38 10.67
C GLY B 44 16.60 -13.99 11.04
N LEU B 45 17.04 -13.55 12.21
CA LEU B 45 16.76 -12.21 12.70
C LEU B 45 17.89 -11.26 12.34
N GLU B 46 17.53 -10.00 12.10
CA GLU B 46 18.48 -8.94 11.82
C GLU B 46 18.11 -7.75 12.69
N TRP B 47 19.04 -7.32 13.54
CA TRP B 47 18.84 -6.07 14.25
C TRP B 47 18.85 -4.91 13.26
N VAL B 48 17.89 -4.01 13.39
CA VAL B 48 17.70 -2.92 12.44
C VAL B 48 18.09 -1.58 13.05
N ALA B 49 17.53 -1.24 14.21
CA ALA B 49 17.80 0.06 14.81
C ALA B 49 17.47 0.03 16.28
N SER B 50 18.08 0.95 17.03
CA SER B 50 17.86 1.12 18.45
C SER B 50 17.80 2.60 18.78
N ILE B 51 17.02 2.96 19.79
CA ILE B 51 16.96 4.35 20.26
C ILE B 51 16.93 4.32 21.78
N SER B 52 17.92 4.93 22.41
CA SER B 52 18.07 4.91 23.86
C SER B 52 17.08 5.87 24.54
N THR B 53 17.07 5.80 25.86
CA THR B 53 16.33 6.74 26.69
C THR B 53 16.76 8.17 26.38
N SER B 54 15.82 9.11 26.44
CA SER B 54 16.03 10.51 26.11
C SER B 54 16.47 10.77 24.67
N SER B 55 16.36 9.76 23.79
CA SER B 55 16.81 9.84 22.40
C SER B 55 18.28 10.22 22.25
N THR B 56 19.09 9.92 23.27
CA THR B 56 20.52 10.22 23.23
C THR B 56 21.24 9.49 22.09
N TYR B 57 20.81 8.25 21.79
CA TYR B 57 21.46 7.45 20.76
C TYR B 57 20.52 6.87 19.73
N ARG B 58 20.88 6.99 18.46
CA ARG B 58 20.18 6.28 17.40
C ARG B 58 21.27 5.52 16.65
N ASP B 59 21.14 4.20 16.59
CA ASP B 59 22.13 3.37 15.94
C ASP B 59 21.39 2.55 14.90
N TYR B 60 22.05 2.27 13.78
CA TYR B 60 21.40 1.57 12.69
C TYR B 60 22.30 0.46 12.18
N ALA B 61 21.68 -0.61 11.70
CA ALA B 61 22.46 -1.62 10.98
C ALA B 61 23.05 -0.99 9.72
N ASP B 62 24.25 -1.44 9.36
CA ASP B 62 24.93 -0.89 8.19
C ASP B 62 24.05 -0.93 6.95
N ALA B 63 23.24 -1.98 6.81
CA ALA B 63 22.44 -2.17 5.60
C ALA B 63 21.31 -1.16 5.46
N VAL B 64 20.93 -0.49 6.56
CA VAL B 64 19.84 0.49 6.53
C VAL B 64 20.27 1.88 6.92
N LYS B 65 21.52 2.06 7.32
CA LYS B 65 22.03 3.35 7.73
C LYS B 65 21.90 4.33 6.57
N GLY B 66 21.40 5.54 6.85
CA GLY B 66 21.17 6.54 5.81
C GLY B 66 19.82 6.46 5.12
N ARG B 67 19.04 5.40 5.33
CA ARG B 67 17.73 5.20 4.73
C ARG B 67 16.62 5.13 5.76
N PHE B 68 16.92 4.65 6.96
CA PHE B 68 15.94 4.47 8.02
C PHE B 68 16.15 5.54 9.09
N THR B 69 15.08 5.86 9.80
CA THR B 69 15.16 6.75 10.96
C THR B 69 14.28 6.20 12.06
N VAL B 70 14.80 6.17 13.28
CA VAL B 70 14.04 5.76 14.46
C VAL B 70 13.83 6.97 15.37
N SER B 71 12.60 7.11 15.87
CA SER B 71 12.22 8.18 16.78
C SER B 71 11.40 7.61 17.93
N ARG B 72 11.35 8.33 19.05
CA ARG B 72 10.54 7.90 20.18
C ARG B 72 9.68 9.07 20.65
N ASP B 73 8.53 8.73 21.23
CA ASP B 73 7.56 9.68 21.76
C ASP B 73 7.21 9.24 23.18
N ASP B 74 7.88 9.81 24.19
CA ASP B 74 7.70 9.31 25.54
C ASP B 74 6.38 9.74 26.18
N LEU B 75 5.67 10.73 25.63
CA LEU B 75 4.45 11.18 26.29
C LEU B 75 3.20 10.35 25.96
N GLU B 76 3.08 9.83 24.75
CA GLU B 76 1.98 8.90 24.43
C GLU B 76 2.48 7.49 24.14
N ASP B 77 3.76 7.24 24.36
CA ASP B 77 4.32 5.89 24.38
C ASP B 77 4.25 5.24 23.00
N PHE B 78 4.89 5.89 22.03
CA PHE B 78 5.03 5.36 20.66
C PHE B 78 6.48 5.38 20.23
N VAL B 79 6.84 4.43 19.37
CA VAL B 79 8.11 4.43 18.67
C VAL B 79 7.81 4.39 17.17
N TYR B 80 8.67 5.05 16.38
CA TYR B 80 8.49 5.16 14.94
C TYR B 80 9.72 4.63 14.20
N LEU B 81 9.49 4.09 13.02
CA LEU B 81 10.56 3.71 12.09
C LEU B 81 10.20 4.21 10.69
N GLN B 82 10.93 5.22 10.22
CA GLN B 82 10.85 5.63 8.83
C GLN B 82 11.74 4.73 7.98
N MET B 83 11.18 4.20 6.89
CA MET B 83 11.93 3.39 5.96
C MET B 83 11.87 4.06 4.60
N HIS B 84 13.02 4.50 4.09
CA HIS B 84 13.10 5.18 2.80
C HIS B 84 14.01 4.42 1.85
N LYS B 85 13.88 4.74 0.56
CA LYS B 85 14.70 4.15 -0.50
C LYS B 85 14.74 2.63 -0.36
N MET B 86 13.56 2.04 -0.23
CA MET B 86 13.46 0.66 0.20
C MET B 86 13.97 -0.31 -0.88
N ARG B 87 14.50 -1.44 -0.42
CA ARG B 87 15.12 -2.45 -1.25
C ARG B 87 14.40 -3.78 -1.05
N VAL B 88 14.51 -4.64 -2.05
CA VAL B 88 13.88 -5.97 -1.97
C VAL B 88 14.28 -6.67 -0.68
N GLU B 89 15.54 -6.54 -0.27
CA GLU B 89 16.01 -7.27 0.90
C GLU B 89 15.56 -6.65 2.22
N ASP B 90 14.87 -5.51 2.19
CA ASP B 90 14.17 -5.03 3.38
C ASP B 90 12.90 -5.83 3.66
N THR B 91 12.46 -6.68 2.74
CA THR B 91 11.29 -7.51 2.94
C THR B 91 11.47 -8.41 4.16
N ALA B 92 10.55 -8.32 5.11
CA ALA B 92 10.68 -9.02 6.39
C ALA B 92 9.46 -8.75 7.25
N ILE B 93 9.35 -9.52 8.33
CA ILE B 93 8.44 -9.21 9.43
C ILE B 93 9.19 -8.29 10.38
N TYR B 94 8.61 -7.14 10.68
CA TYR B 94 9.27 -6.18 11.55
C TYR B 94 8.69 -6.22 12.96
N TYR B 95 9.56 -6.36 13.95
CA TYR B 95 9.17 -6.40 15.34
C TYR B 95 9.76 -5.21 16.07
N CYS B 96 9.02 -4.74 17.07
CA CYS B 96 9.42 -3.68 17.98
C CYS B 96 9.74 -4.31 19.31
N ALA B 97 10.96 -4.10 19.82
CA ALA B 97 11.40 -4.83 20.99
C ALA B 97 12.00 -3.89 22.04
N ARG B 98 11.64 -4.16 23.29
CA ARG B 98 12.10 -3.42 24.45
C ARG B 98 13.35 -4.04 25.06
N LYS B 99 14.34 -3.20 25.36
CA LYS B 99 15.50 -3.58 26.17
C LYS B 99 15.20 -3.42 27.66
N GLY B 100 15.35 -4.48 28.44
CA GLY B 100 14.98 -4.42 29.85
C GLY B 100 15.13 -5.76 30.55
N SER B 101 14.91 -5.70 31.86
CA SER B 101 14.92 -6.85 32.76
C SER B 101 14.13 -6.49 34.01
N ASP B 102 13.97 -7.46 34.92
CA ASP B 102 13.27 -7.19 36.16
C ASP B 102 13.90 -6.03 36.91
N ARG B 103 15.23 -5.91 36.86
CA ARG B 103 15.96 -4.82 37.49
C ARG B 103 16.84 -4.24 36.37
N LEU B 104 16.53 -3.01 35.96
CA LEU B 104 17.18 -2.41 34.81
C LEU B 104 18.67 -2.19 35.04
N SER B 105 19.47 -2.51 34.02
CA SER B 105 20.91 -2.28 34.04
C SER B 105 21.34 -1.58 32.75
N ASP B 106 22.66 -1.36 32.63
CA ASP B 106 23.21 -0.71 31.44
C ASP B 106 23.16 -1.56 30.19
N ASN B 107 22.94 -2.87 30.29
CA ASN B 107 22.91 -3.70 29.10
C ASN B 107 22.04 -4.93 29.38
N ASP B 108 20.80 -4.86 28.95
CA ASP B 108 19.82 -5.91 29.16
C ASP B 108 19.44 -6.52 27.82
N PRO B 109 18.88 -7.72 27.82
CA PRO B 109 18.40 -8.32 26.56
C PRO B 109 17.08 -7.72 26.11
N PHE B 110 16.46 -8.29 25.07
CA PHE B 110 15.16 -7.82 24.58
C PHE B 110 14.10 -8.71 25.23
N ASP B 111 13.47 -8.21 26.29
CA ASP B 111 12.59 -9.02 27.13
C ASP B 111 11.13 -8.96 26.71
N ALA B 112 10.77 -8.10 25.76
CA ALA B 112 9.39 -7.97 25.33
C ALA B 112 9.33 -7.61 23.86
N TRP B 113 8.45 -8.29 23.12
CA TRP B 113 8.37 -8.18 21.67
C TRP B 113 6.92 -8.01 21.24
N GLY B 114 6.70 -7.19 20.23
CA GLY B 114 5.42 -7.17 19.57
C GLY B 114 5.26 -8.37 18.67
N PRO B 115 4.03 -8.59 18.20
CA PRO B 115 3.78 -9.75 17.33
C PRO B 115 4.36 -9.59 15.93
N GLY B 116 4.71 -8.38 15.53
CA GLY B 116 5.30 -8.19 14.22
C GLY B 116 4.31 -7.68 13.19
N THR B 117 4.81 -6.89 12.25
CA THR B 117 4.04 -6.43 11.10
C THR B 117 4.80 -6.76 9.84
N VAL B 118 4.08 -7.27 8.84
CA VAL B 118 4.70 -7.71 7.59
C VAL B 118 4.94 -6.51 6.68
N VAL B 119 6.16 -6.41 6.16
CA VAL B 119 6.54 -5.38 5.18
C VAL B 119 7.10 -6.09 3.96
N THR B 120 6.51 -5.80 2.79
CA THR B 120 6.88 -6.46 1.54
C THR B 120 7.25 -5.42 0.47
N VAL B 121 8.46 -5.55 -0.08
CA VAL B 121 8.97 -4.64 -1.10
C VAL B 121 8.98 -5.37 -2.44
N SER B 122 8.23 -4.85 -3.41
CA SER B 122 8.18 -5.52 -4.71
C SER B 122 9.37 -5.10 -5.57
N PRO B 123 9.84 -5.99 -6.45
CA PRO B 123 11.12 -5.73 -7.12
C PRO B 123 11.04 -4.60 -8.13
N ALA B 124 9.89 -4.39 -8.76
CA ALA B 124 9.80 -3.37 -9.80
C ALA B 124 9.58 -2.02 -9.15
N SER B 125 10.50 -1.09 -9.39
CA SER B 125 10.36 0.30 -8.97
C SER B 125 9.63 1.14 -9.98
N THR B 126 9.44 0.62 -11.20
CA THR B 126 8.78 1.31 -12.29
C THR B 126 7.97 0.31 -13.10
N LYS B 127 7.12 0.84 -13.98
CA LYS B 127 6.32 0.05 -14.90
C LYS B 127 5.93 0.96 -16.07
N GLY B 128 6.19 0.49 -17.28
CA GLY B 128 5.81 1.23 -18.46
C GLY B 128 4.33 1.12 -18.69
N PRO B 129 3.76 2.10 -19.39
CA PRO B 129 2.31 2.11 -19.61
C PRO B 129 1.85 1.18 -20.72
N SER B 130 0.62 0.70 -20.56
CA SER B 130 -0.17 0.22 -21.69
C SER B 130 -0.86 1.39 -22.37
N VAL B 131 -0.89 1.38 -23.70
CA VAL B 131 -1.48 2.45 -24.48
C VAL B 131 -2.61 1.88 -25.33
N PHE B 132 -3.84 2.38 -25.12
CA PHE B 132 -4.96 1.89 -25.89
C PHE B 132 -5.58 3.04 -26.68
N PRO B 133 -6.10 2.78 -27.88
CA PRO B 133 -6.69 3.86 -28.68
C PRO B 133 -8.10 4.20 -28.21
N LEU B 134 -8.42 5.50 -28.23
CA LEU B 134 -9.79 5.99 -28.09
C LEU B 134 -10.31 6.37 -29.48
N ALA B 135 -11.06 5.46 -30.11
CA ALA B 135 -11.32 5.62 -31.53
C ALA B 135 -12.44 6.64 -31.77
N PRO B 136 -12.29 7.50 -32.77
CA PRO B 136 -13.36 8.47 -33.08
C PRO B 136 -14.65 7.80 -33.52
N SER B 137 -15.77 8.47 -33.23
CA SER B 137 -17.08 7.93 -33.54
C SER B 137 -17.33 7.94 -35.05
N SER B 138 -17.80 6.82 -35.58
CA SER B 138 -18.08 6.69 -37.00
C SER B 138 -19.18 7.66 -37.44
N THR B 145 -15.21 18.37 -36.67
CA THR B 145 -15.29 18.40 -35.22
C THR B 145 -15.50 16.99 -34.65
N ALA B 146 -14.45 16.17 -34.73
CA ALA B 146 -14.44 14.83 -34.18
C ALA B 146 -13.37 14.75 -33.09
N ALA B 147 -13.56 13.85 -32.13
CA ALA B 147 -12.61 13.64 -31.07
C ALA B 147 -12.00 12.24 -31.11
N LEU B 148 -10.67 12.18 -30.95
CA LEU B 148 -9.94 10.94 -30.79
C LEU B 148 -8.90 11.15 -29.69
N GLY B 149 -8.29 10.05 -29.25
CA GLY B 149 -7.23 10.18 -28.26
C GLY B 149 -6.58 8.86 -27.94
N CYS B 150 -5.74 8.88 -26.91
CA CYS B 150 -5.06 7.71 -26.39
C CYS B 150 -5.30 7.59 -24.89
N LEU B 151 -5.49 6.35 -24.43
CA LEU B 151 -5.58 6.04 -23.02
C LEU B 151 -4.26 5.45 -22.58
N VAL B 152 -3.61 6.09 -21.62
CA VAL B 152 -2.31 5.69 -21.11
C VAL B 152 -2.54 5.09 -19.73
N LYS B 153 -2.54 3.76 -19.65
CA LYS B 153 -3.05 3.04 -18.50
C LYS B 153 -1.94 2.21 -17.85
N ASP B 154 -2.01 2.14 -16.52
CA ASP B 154 -1.23 1.20 -15.71
C ASP B 154 0.27 1.46 -15.79
N TYR B 155 0.68 2.64 -15.31
CA TYR B 155 2.10 2.98 -15.27
C TYR B 155 2.44 3.53 -13.90
N PHE B 156 3.74 3.57 -13.59
CA PHE B 156 4.21 3.98 -12.28
C PHE B 156 5.72 4.22 -12.36
N PRO B 157 6.25 5.29 -11.77
CA PRO B 157 5.51 6.40 -11.16
C PRO B 157 5.21 7.46 -12.22
N GLU B 158 4.66 8.60 -11.80
CA GLU B 158 4.56 9.72 -12.72
C GLU B 158 5.95 10.29 -13.00
N PRO B 159 6.10 11.06 -14.09
CA PRO B 159 5.07 11.39 -15.08
C PRO B 159 5.24 10.70 -16.43
N VAL B 160 4.24 10.86 -17.28
CA VAL B 160 4.32 10.52 -18.69
C VAL B 160 4.13 11.81 -19.47
N THR B 161 4.83 11.93 -20.58
CA THR B 161 4.58 13.03 -21.50
C THR B 161 3.97 12.47 -22.77
N VAL B 162 3.08 13.25 -23.38
CA VAL B 162 2.41 12.84 -24.61
C VAL B 162 2.46 13.98 -25.62
N SER B 163 2.85 13.65 -26.84
CA SER B 163 2.72 14.52 -28.00
C SER B 163 1.93 13.78 -29.07
N TRP B 164 1.54 14.51 -30.11
CA TRP B 164 0.79 13.93 -31.22
C TRP B 164 1.52 14.25 -32.51
N ASN B 165 1.71 13.23 -33.34
CA ASN B 165 2.42 13.38 -34.60
C ASN B 165 3.75 14.09 -34.37
N SER B 166 4.49 13.59 -33.38
CA SER B 166 5.83 14.07 -33.02
C SER B 166 5.87 15.56 -32.74
N GLY B 167 4.78 16.13 -32.25
CA GLY B 167 4.74 17.54 -31.90
C GLY B 167 4.19 18.48 -32.93
N ALA B 168 3.83 17.99 -34.12
CA ALA B 168 3.27 18.87 -35.14
C ALA B 168 1.81 19.22 -34.88
N LEU B 169 1.09 18.39 -34.14
CA LEU B 169 -0.30 18.65 -33.80
C LEU B 169 -0.38 19.09 -32.35
N THR B 170 -0.65 20.38 -32.14
CA THR B 170 -0.80 20.95 -30.81
C THR B 170 -2.17 21.55 -30.57
N SER B 171 -2.76 22.20 -31.57
CA SER B 171 -4.07 22.84 -31.38
C SER B 171 -5.11 21.81 -31.00
N GLY B 172 -5.91 22.14 -29.99
CA GLY B 172 -7.01 21.30 -29.59
C GLY B 172 -6.64 20.11 -28.72
N VAL B 173 -5.39 20.02 -28.28
CA VAL B 173 -4.94 18.88 -27.50
C VAL B 173 -5.15 19.17 -26.02
N HIS B 174 -5.72 18.19 -25.31
CA HIS B 174 -5.81 18.20 -23.86
C HIS B 174 -5.26 16.88 -23.33
N THR B 175 -4.19 16.96 -22.54
CA THR B 175 -3.71 15.82 -21.79
C THR B 175 -4.10 16.00 -20.34
N PHE B 176 -4.88 15.05 -19.81
CA PHE B 176 -5.50 15.23 -18.52
C PHE B 176 -4.53 14.88 -17.40
N PRO B 177 -4.74 15.42 -16.21
CA PRO B 177 -3.97 14.94 -15.07
C PRO B 177 -4.21 13.45 -14.88
N ALA B 178 -3.15 12.74 -14.49
CA ALA B 178 -3.27 11.33 -14.18
C ALA B 178 -4.15 11.14 -12.95
N VAL B 179 -4.79 9.97 -12.89
CA VAL B 179 -5.52 9.54 -11.70
C VAL B 179 -4.81 8.32 -11.14
N LEU B 180 -4.79 8.23 -9.81
CA LEU B 180 -4.26 7.04 -9.14
C LEU B 180 -5.36 5.99 -9.03
N GLN B 181 -5.17 4.85 -9.69
CA GLN B 181 -6.14 3.78 -9.65
C GLN B 181 -6.00 2.98 -8.35
N SER B 182 -7.07 2.25 -8.00
CA SER B 182 -7.07 1.44 -6.79
C SER B 182 -5.98 0.36 -6.82
N SER B 183 -5.40 0.08 -7.98
CA SER B 183 -4.31 -0.87 -8.12
C SER B 183 -2.95 -0.30 -7.72
N GLY B 184 -2.87 0.99 -7.42
CA GLY B 184 -1.61 1.66 -7.20
C GLY B 184 -0.89 2.11 -8.45
N LEU B 185 -1.48 1.92 -9.62
CA LEU B 185 -0.92 2.38 -10.88
C LEU B 185 -1.67 3.61 -11.36
N TYR B 186 -0.97 4.46 -12.11
CA TYR B 186 -1.57 5.68 -12.64
C TYR B 186 -2.16 5.45 -14.02
N SER B 187 -3.11 6.31 -14.37
CA SER B 187 -3.75 6.27 -15.68
C SER B 187 -4.16 7.68 -16.06
N LEU B 188 -3.97 8.01 -17.33
CA LEU B 188 -4.41 9.28 -17.87
C LEU B 188 -4.83 9.07 -19.31
N SER B 189 -5.62 10.02 -19.82
CA SER B 189 -5.99 10.03 -21.22
C SER B 189 -5.50 11.33 -21.85
N SER B 190 -5.17 11.26 -23.14
CA SER B 190 -4.84 12.43 -23.93
C SER B 190 -5.71 12.43 -25.16
N VAL B 191 -6.38 13.55 -25.41
CA VAL B 191 -7.33 13.69 -26.50
C VAL B 191 -6.99 14.91 -27.35
N VAL B 192 -7.56 14.93 -28.55
CA VAL B 192 -7.42 16.05 -29.48
C VAL B 192 -8.68 16.10 -30.33
N THR B 193 -9.14 17.29 -30.65
CA THR B 193 -10.26 17.46 -31.55
C THR B 193 -9.74 17.88 -32.92
N VAL B 194 -10.31 17.28 -33.96
CA VAL B 194 -9.87 17.50 -35.34
C VAL B 194 -11.09 17.58 -36.24
N PRO B 195 -10.91 18.09 -37.46
CA PRO B 195 -12.02 18.09 -38.43
C PRO B 195 -12.47 16.67 -38.75
N SER B 196 -13.80 16.47 -38.73
CA SER B 196 -14.34 15.15 -39.04
C SER B 196 -13.92 14.72 -40.44
N SER B 197 -13.72 15.69 -41.34
CA SER B 197 -13.36 15.43 -42.72
C SER B 197 -11.98 14.80 -42.85
N SER B 198 -11.10 14.98 -41.84
CA SER B 198 -9.75 14.45 -41.99
C SER B 198 -9.66 12.98 -41.64
N LEU B 199 -10.74 12.37 -41.17
CA LEU B 199 -10.68 10.97 -40.79
C LEU B 199 -10.42 10.19 -42.07
N GLY B 200 -9.34 9.41 -42.09
CA GLY B 200 -8.98 8.65 -43.25
C GLY B 200 -7.80 9.27 -43.98
N THR B 201 -7.70 10.61 -43.97
CA THR B 201 -6.65 11.26 -44.73
C THR B 201 -5.48 11.54 -43.79
N GLN B 202 -5.73 12.25 -42.69
CA GLN B 202 -4.66 12.62 -41.79
C GLN B 202 -4.37 11.39 -40.95
N THR B 203 -3.09 11.05 -40.75
CA THR B 203 -2.78 9.98 -39.81
C THR B 203 -2.52 10.58 -38.43
N TYR B 204 -3.05 9.93 -37.39
CA TYR B 204 -2.91 10.44 -36.04
C TYR B 204 -2.22 9.40 -35.17
N ILE B 205 -1.06 9.76 -34.64
CA ILE B 205 -0.25 8.89 -33.78
C ILE B 205 0.05 9.66 -32.50
N CYS B 206 -0.23 9.05 -31.36
CA CYS B 206 0.14 9.63 -30.07
C CYS B 206 1.46 9.04 -29.61
N ASN B 207 2.38 9.93 -29.21
CA ASN B 207 3.72 9.54 -28.76
C ASN B 207 3.79 9.62 -27.24
N VAL B 208 3.78 8.48 -26.58
CA VAL B 208 3.80 8.40 -25.13
C VAL B 208 5.23 8.11 -24.69
N ASN B 209 5.76 8.98 -23.82
CA ASN B 209 7.10 8.82 -23.29
C ASN B 209 6.98 8.73 -21.77
N HIS B 210 7.56 7.70 -21.19
CA HIS B 210 7.58 7.49 -19.75
C HIS B 210 9.03 7.35 -19.30
N LYS B 211 9.62 8.49 -18.92
CA LYS B 211 11.04 8.50 -18.59
C LYS B 211 11.42 7.61 -17.41
N PRO B 212 10.65 7.52 -16.32
CA PRO B 212 11.06 6.63 -15.22
C PRO B 212 11.34 5.19 -15.65
N SER B 213 10.50 4.60 -16.50
CA SER B 213 10.73 3.24 -16.95
C SER B 213 11.45 3.19 -18.29
N ASN B 214 11.89 4.35 -18.77
CA ASN B 214 12.59 4.48 -20.04
C ASN B 214 11.80 3.77 -21.16
N THR B 215 10.49 3.98 -21.16
CA THR B 215 9.55 3.37 -22.10
C THR B 215 8.99 4.41 -23.07
N LYS B 216 8.96 4.06 -24.36
CA LYS B 216 8.31 4.87 -25.38
C LYS B 216 7.33 4.04 -26.20
N VAL B 217 6.15 4.59 -26.44
CA VAL B 217 5.11 3.92 -27.24
C VAL B 217 4.52 4.92 -28.22
N ASP B 218 4.42 4.51 -29.49
CA ASP B 218 3.71 5.24 -30.53
C ASP B 218 2.51 4.39 -30.94
N LYS B 219 1.30 4.92 -30.73
CA LYS B 219 0.08 4.18 -31.03
C LYS B 219 -0.69 4.90 -32.13
N LYS B 220 -1.05 4.17 -33.18
CA LYS B 220 -1.86 4.70 -34.26
C LYS B 220 -3.35 4.55 -33.94
N VAL B 221 -4.08 5.65 -34.07
CA VAL B 221 -5.52 5.77 -33.81
C VAL B 221 -6.27 5.95 -35.13
N GLU B 222 -7.26 5.09 -35.38
CA GLU B 222 -7.98 5.11 -36.65
C GLU B 222 -9.47 4.93 -36.43
N PRO B 223 -10.28 5.32 -37.43
CA PRO B 223 -11.73 5.13 -37.37
C PRO B 223 -12.18 3.69 -37.18
N LYS B 224 -13.34 3.55 -36.50
CA LYS B 224 -14.07 2.34 -36.08
C LYS B 224 -14.23 2.36 -34.57
N ASP C 1 -14.97 25.18 18.06
CA ASP C 1 -16.38 25.52 18.24
C ASP C 1 -16.71 26.86 17.58
N VAL C 2 -15.75 27.37 16.82
CA VAL C 2 -15.94 28.51 15.92
C VAL C 2 -16.17 27.95 14.52
N VAL C 3 -17.19 28.44 13.84
CA VAL C 3 -17.41 28.11 12.44
C VAL C 3 -17.19 29.36 11.60
N MET C 4 -16.39 29.19 10.53
CA MET C 4 -16.07 30.25 9.58
C MET C 4 -16.79 29.95 8.28
N THR C 5 -17.39 30.97 7.69
CA THR C 5 -18.10 30.80 6.42
C THR C 5 -17.59 31.84 5.45
N GLN C 6 -17.12 31.40 4.28
CA GLN C 6 -16.65 32.32 3.24
C GLN C 6 -17.77 32.54 2.25
N SER C 7 -17.68 33.68 1.55
CA SER C 7 -18.62 34.08 0.56
C SER C 7 -17.90 34.91 -0.49
N PRO C 8 -18.04 34.58 -1.79
CA PRO C 8 -18.79 33.46 -2.38
C PRO C 8 -17.97 32.18 -2.48
N SER C 9 -18.60 31.08 -2.92
CA SER C 9 -17.81 29.88 -3.18
C SER C 9 -17.03 29.96 -4.49
N THR C 10 -17.63 30.55 -5.53
CA THR C 10 -16.93 30.81 -6.78
C THR C 10 -17.10 32.27 -7.17
N LEU C 11 -15.99 32.97 -7.41
CA LEU C 11 -16.00 34.37 -7.82
C LEU C 11 -15.40 34.48 -9.21
N SER C 12 -16.19 34.99 -10.16
CA SER C 12 -15.76 35.10 -11.56
C SER C 12 -15.50 36.57 -11.88
N ALA C 13 -14.33 36.87 -12.45
CA ALA C 13 -13.98 38.25 -12.73
C ALA C 13 -13.01 38.30 -13.92
N SER C 14 -12.78 39.52 -14.40
CA SER C 14 -11.85 39.81 -15.47
C SER C 14 -10.55 40.39 -14.91
N VAL C 15 -9.47 40.22 -15.68
CA VAL C 15 -8.18 40.81 -15.32
C VAL C 15 -8.33 42.32 -15.15
N GLY C 16 -7.69 42.84 -14.11
CA GLY C 16 -7.73 44.24 -13.77
C GLY C 16 -8.83 44.62 -12.80
N ASP C 17 -9.75 43.69 -12.51
CA ASP C 17 -10.86 44.02 -11.63
C ASP C 17 -10.35 44.17 -10.19
N THR C 18 -11.12 44.89 -9.40
CA THR C 18 -10.99 44.89 -7.94
C THR C 18 -12.07 43.98 -7.37
N ILE C 19 -11.68 42.97 -6.61
CA ILE C 19 -12.64 42.00 -6.11
C ILE C 19 -12.51 41.93 -4.59
N THR C 20 -13.60 41.53 -3.95
CA THR C 20 -13.66 41.34 -2.51
C THR C 20 -14.19 39.97 -2.13
N ILE C 21 -13.52 39.33 -1.18
CA ILE C 21 -13.99 38.08 -0.60
C ILE C 21 -14.33 38.35 0.87
N THR C 22 -15.48 37.85 1.32
CA THR C 22 -15.94 38.05 2.68
C THR C 22 -15.78 36.76 3.47
N CYS C 23 -15.42 36.88 4.75
CA CYS C 23 -15.31 35.75 5.65
C CYS C 23 -16.02 36.12 6.94
N ARG C 24 -16.94 35.26 7.40
CA ARG C 24 -17.72 35.54 8.61
C ARG C 24 -17.49 34.46 9.67
N ALA C 25 -17.26 34.90 10.91
CA ALA C 25 -17.11 34.02 12.06
C ALA C 25 -18.40 33.95 12.88
N SER C 26 -18.72 32.75 13.38
CA SER C 26 -19.93 32.55 14.16
C SER C 26 -19.87 33.24 15.53
N GLN C 27 -18.67 33.62 15.99
CA GLN C 27 -18.52 34.41 17.20
C GLN C 27 -17.27 35.26 17.04
N SER C 28 -17.14 36.26 17.92
CA SER C 28 -16.04 37.21 17.79
C SER C 28 -14.68 36.50 17.93
N ILE C 29 -13.77 36.84 17.02
CA ILE C 29 -12.40 36.33 17.06
C ILE C 29 -11.40 37.47 17.00
N GLU C 30 -11.84 38.68 17.38
CA GLU C 30 -10.99 39.87 17.36
C GLU C 30 -10.39 40.08 15.97
N THR C 31 -9.07 40.11 15.86
CA THR C 31 -8.39 40.17 14.58
C THR C 31 -7.53 38.94 14.32
N TRP C 32 -7.89 37.80 14.93
CA TRP C 32 -7.13 36.56 14.76
C TRP C 32 -7.56 35.84 13.48
N LEU C 33 -7.22 36.46 12.35
CA LEU C 33 -7.67 35.97 11.05
C LEU C 33 -6.52 36.06 10.05
N ALA C 34 -6.35 35.00 9.28
CA ALA C 34 -5.31 34.96 8.26
C ALA C 34 -5.94 34.57 6.92
N TRP C 35 -5.25 34.96 5.84
CA TRP C 35 -5.69 34.68 4.48
C TRP C 35 -4.59 33.94 3.73
N TYR C 36 -4.95 32.85 3.07
CA TYR C 36 -4.00 32.06 2.29
C TYR C 36 -4.43 31.96 0.83
N GLN C 37 -3.43 31.90 -0.04
CA GLN C 37 -3.62 31.56 -1.45
C GLN C 37 -3.15 30.13 -1.71
N GLN C 38 -3.85 29.43 -2.59
CA GLN C 38 -3.46 28.07 -2.96
C GLN C 38 -3.83 27.81 -4.41
N LYS C 39 -2.86 27.37 -5.17
CA LYS C 39 -3.04 26.94 -6.54
C LYS C 39 -3.19 25.43 -6.60
N PRO C 40 -3.89 24.91 -7.61
CA PRO C 40 -4.15 23.47 -7.66
C PRO C 40 -2.87 22.65 -7.66
N GLY C 41 -2.81 21.66 -6.77
CA GLY C 41 -1.65 20.79 -6.66
C GLY C 41 -0.43 21.41 -5.99
N LYS C 42 -0.54 22.62 -5.48
CA LYS C 42 0.51 23.39 -4.84
C LYS C 42 0.22 23.58 -3.36
N ALA C 43 1.18 24.15 -2.68
CA ALA C 43 1.01 24.42 -1.27
C ALA C 43 0.27 25.74 -1.09
N PRO C 44 -0.50 25.86 -0.02
CA PRO C 44 -1.02 27.18 0.37
C PRO C 44 0.11 28.16 0.63
N LYS C 45 -0.16 29.43 0.36
CA LYS C 45 0.79 30.51 0.60
C LYS C 45 0.14 31.57 1.48
N LEU C 46 0.82 31.92 2.58
CA LEU C 46 0.31 32.93 3.49
C LEU C 46 0.31 34.31 2.84
N LEU C 47 -0.83 34.99 2.88
CA LEU C 47 -0.94 36.35 2.38
C LEU C 47 -1.01 37.40 3.49
N ILE C 48 -1.94 37.22 4.42
CA ILE C 48 -2.27 38.22 5.43
C ILE C 48 -2.53 37.53 6.76
N TYR C 49 -2.16 38.19 7.85
CA TYR C 49 -2.42 37.69 9.19
C TYR C 49 -2.73 38.90 10.06
N LYS C 50 -3.15 38.63 11.30
CA LYS C 50 -3.75 39.65 12.15
C LYS C 50 -4.75 40.52 11.38
N ALA C 51 -5.59 39.87 10.56
CA ALA C 51 -6.68 40.49 9.81
C ALA C 51 -6.19 41.37 8.66
N SER C 52 -5.14 42.16 8.90
CA SER C 52 -4.75 43.16 7.92
C SER C 52 -3.24 43.30 7.69
N THR C 53 -2.40 42.52 8.36
CA THR C 53 -0.95 42.66 8.19
C THR C 53 -0.49 41.84 7.00
N LEU C 54 0.12 42.51 6.01
CA LEU C 54 0.65 41.81 4.85
C LEU C 54 1.97 41.14 5.17
N LYS C 55 2.07 39.85 4.84
CA LYS C 55 3.33 39.14 4.98
C LYS C 55 4.36 39.73 4.03
N THR C 56 5.60 39.86 4.50
CA THR C 56 6.65 40.46 3.70
C THR C 56 6.78 39.70 2.38
N GLY C 57 6.86 40.45 1.28
CA GLY C 57 6.96 39.87 -0.04
C GLY C 57 5.64 39.72 -0.77
N VAL C 58 4.51 39.79 -0.07
CA VAL C 58 3.20 39.72 -0.72
C VAL C 58 2.92 41.05 -1.41
N PRO C 59 2.42 41.04 -2.65
CA PRO C 59 2.21 42.29 -3.37
C PRO C 59 1.20 43.20 -2.68
N SER C 60 1.39 44.51 -2.87
CA SER C 60 0.59 45.50 -2.16
C SER C 60 -0.85 45.53 -2.63
N ARG C 61 -1.17 44.93 -3.78
CA ARG C 61 -2.56 44.86 -4.23
C ARG C 61 -3.43 43.98 -3.34
N PHE C 62 -2.85 43.19 -2.45
CA PHE C 62 -3.61 42.40 -1.48
C PHE C 62 -3.80 43.22 -0.21
N SER C 63 -5.03 43.24 0.30
CA SER C 63 -5.29 43.90 1.57
C SER C 63 -6.45 43.19 2.26
N GLY C 64 -6.47 43.33 3.59
CA GLY C 64 -7.50 42.71 4.39
C GLY C 64 -8.03 43.69 5.40
N SER C 65 -9.29 43.49 5.80
CA SER C 65 -9.90 44.32 6.82
C SER C 65 -10.94 43.51 7.57
N GLY C 66 -11.49 44.13 8.61
CA GLY C 66 -12.53 43.52 9.41
C GLY C 66 -12.06 43.23 10.83
N SER C 67 -13.04 42.99 11.69
CA SER C 67 -12.82 42.55 13.06
C SER C 67 -14.12 42.02 13.62
N GLY C 68 -14.03 41.26 14.70
CA GLY C 68 -15.23 40.69 15.30
C GLY C 68 -15.69 39.46 14.56
N THR C 69 -16.70 39.61 13.71
CA THR C 69 -17.25 38.48 12.96
C THR C 69 -17.20 38.68 11.45
N GLU C 70 -16.81 39.85 10.97
CA GLU C 70 -16.89 40.18 9.55
C GLU C 70 -15.51 40.63 9.09
N PHE C 71 -14.95 39.92 8.12
CA PHE C 71 -13.62 40.18 7.60
C PHE C 71 -13.68 40.19 6.09
N THR C 72 -12.74 40.91 5.48
CA THR C 72 -12.71 41.02 4.03
C THR C 72 -11.29 40.93 3.51
N LEU C 73 -11.13 40.22 2.39
CA LEU C 73 -9.90 40.21 1.60
C LEU C 73 -10.18 40.96 0.32
N THR C 74 -9.37 41.98 0.02
CA THR C 74 -9.49 42.75 -1.20
C THR C 74 -8.27 42.55 -2.10
N ILE C 75 -8.51 42.31 -3.38
CA ILE C 75 -7.46 42.23 -4.39
C ILE C 75 -7.69 43.37 -5.36
N SER C 76 -6.81 44.37 -5.36
CA SER C 76 -7.00 45.60 -6.11
C SER C 76 -6.22 45.54 -7.42
N GLY C 77 -6.88 45.07 -8.47
CA GLY C 77 -6.24 44.91 -9.76
C GLY C 77 -5.80 43.49 -10.01
N LEU C 78 -6.77 42.60 -10.28
CA LEU C 78 -6.46 41.19 -10.47
C LEU C 78 -5.48 41.00 -11.62
N GLN C 79 -4.42 40.23 -11.36
CA GLN C 79 -3.51 39.73 -12.38
C GLN C 79 -3.73 38.23 -12.59
N PHE C 80 -3.25 37.71 -13.73
CA PHE C 80 -3.47 36.30 -14.04
C PHE C 80 -2.90 35.38 -12.97
N ASP C 81 -1.80 35.79 -12.32
CA ASP C 81 -1.21 34.95 -11.28
C ASP C 81 -2.11 34.82 -10.05
N ASP C 82 -3.11 35.69 -9.92
CA ASP C 82 -3.97 35.73 -8.75
C ASP C 82 -5.17 34.81 -8.86
N PHE C 83 -5.44 34.25 -10.04
CA PHE C 83 -6.53 33.29 -10.16
C PHE C 83 -6.13 31.97 -9.53
N ALA C 84 -6.84 31.59 -8.47
CA ALA C 84 -6.44 30.56 -7.52
C ALA C 84 -7.57 30.38 -6.51
N THR C 85 -7.40 29.47 -5.55
CA THR C 85 -8.33 29.38 -4.44
C THR C 85 -7.77 30.18 -3.27
N TYR C 86 -8.65 30.86 -2.54
CA TYR C 86 -8.30 31.64 -1.37
C TYR C 86 -9.05 31.15 -0.14
N HIS C 87 -8.33 30.99 0.97
CA HIS C 87 -8.85 30.44 2.22
C HIS C 87 -8.71 31.45 3.36
N CYS C 88 -9.76 31.62 4.16
CA CYS C 88 -9.62 32.38 5.40
C CYS C 88 -9.48 31.40 6.56
N GLN C 89 -8.86 31.86 7.64
CA GLN C 89 -8.51 30.99 8.74
C GLN C 89 -8.55 31.73 10.06
N HIS C 90 -9.29 31.19 11.04
CA HIS C 90 -9.12 31.62 12.41
C HIS C 90 -8.05 30.74 13.03
N TYR C 91 -7.02 31.36 13.61
CA TYR C 91 -5.91 30.65 14.22
C TYR C 91 -5.82 31.02 15.69
N ALA C 92 -5.78 30.03 16.57
CA ALA C 92 -5.65 30.32 17.97
C ALA C 92 -4.30 29.77 18.43
N GLY C 93 -4.06 29.79 19.73
CA GLY C 93 -2.73 29.44 20.22
C GLY C 93 -2.32 28.03 19.84
N TYR C 94 -3.27 27.12 19.87
CA TYR C 94 -3.03 25.70 19.64
C TYR C 94 -3.81 25.11 18.48
N SER C 95 -5.00 25.63 18.13
CA SER C 95 -5.76 24.99 17.07
C SER C 95 -6.15 26.04 16.03
N ALA C 96 -6.76 25.58 14.94
CA ALA C 96 -7.28 26.47 13.90
C ALA C 96 -8.50 25.88 13.23
N THR C 97 -9.19 26.73 12.46
CA THR C 97 -10.34 26.31 11.67
C THR C 97 -10.36 27.16 10.40
N PHE C 98 -10.74 26.54 9.28
CA PHE C 98 -10.72 27.18 7.97
C PHE C 98 -12.14 27.37 7.45
N GLY C 99 -12.31 28.38 6.60
CA GLY C 99 -13.48 28.46 5.76
C GLY C 99 -13.51 27.37 4.71
N GLN C 100 -14.56 27.41 3.89
CA GLN C 100 -14.76 26.37 2.88
C GLN C 100 -14.00 26.64 1.59
N GLY C 101 -13.33 27.78 1.47
CA GLY C 101 -12.59 28.17 0.28
C GLY C 101 -13.42 28.93 -0.73
N THR C 102 -12.74 29.86 -1.43
CA THR C 102 -13.34 30.61 -2.53
C THR C 102 -12.46 30.44 -3.75
N ARG C 103 -13.02 29.90 -4.83
CA ARG C 103 -12.29 29.74 -6.07
C ARG C 103 -12.47 30.98 -6.94
N VAL C 104 -11.36 31.62 -7.31
CA VAL C 104 -11.38 32.80 -8.18
C VAL C 104 -11.00 32.38 -9.59
N GLU C 105 -11.90 32.60 -10.55
CA GLU C 105 -11.71 32.12 -11.91
C GLU C 105 -11.89 33.28 -12.89
N ILE C 106 -11.42 33.05 -14.12
CA ILE C 106 -11.54 34.04 -15.19
C ILE C 106 -12.95 34.01 -15.76
N LYS C 107 -13.59 35.17 -15.83
CA LYS C 107 -14.95 35.21 -16.34
C LYS C 107 -14.92 35.16 -17.86
N ARG C 108 -15.85 34.41 -18.44
CA ARG C 108 -16.05 34.36 -19.87
C ARG C 108 -17.52 34.07 -20.12
N THR C 109 -17.91 34.02 -21.39
CA THR C 109 -19.30 33.71 -21.65
C THR C 109 -19.55 32.23 -21.39
N VAL C 110 -20.82 31.89 -21.17
CA VAL C 110 -21.19 30.50 -20.97
C VAL C 110 -20.91 29.71 -22.24
N ALA C 111 -20.36 28.50 -22.07
CA ALA C 111 -20.04 27.63 -23.21
C ALA C 111 -20.49 26.23 -22.86
N ALA C 112 -21.35 25.64 -23.69
CA ALA C 112 -21.76 24.27 -23.43
C ALA C 112 -20.67 23.26 -23.79
N PRO C 113 -20.59 22.16 -23.03
CA PRO C 113 -19.64 21.09 -23.35
C PRO C 113 -19.98 20.38 -24.65
N SER C 114 -18.95 20.03 -25.41
CA SER C 114 -19.09 19.04 -26.47
C SER C 114 -18.79 17.66 -25.90
N VAL C 115 -19.73 16.73 -26.03
CA VAL C 115 -19.73 15.47 -25.29
C VAL C 115 -19.38 14.33 -26.25
N PHE C 116 -18.50 13.44 -25.79
CA PHE C 116 -18.08 12.27 -26.56
C PHE C 116 -17.98 11.06 -25.64
N ILE C 117 -18.42 9.90 -26.12
CA ILE C 117 -18.33 8.66 -25.36
C ILE C 117 -17.46 7.68 -26.15
N PHE C 118 -16.59 6.97 -25.44
CA PHE C 118 -15.68 6.01 -26.04
C PHE C 118 -15.87 4.63 -25.41
N PRO C 119 -16.09 3.59 -26.21
CA PRO C 119 -16.12 2.23 -25.66
C PRO C 119 -14.71 1.74 -25.37
N PRO C 120 -14.57 0.67 -24.59
CA PRO C 120 -13.24 0.08 -24.39
C PRO C 120 -12.67 -0.47 -25.69
N SER C 121 -11.36 -0.33 -25.85
CA SER C 121 -10.68 -0.94 -26.98
C SER C 121 -10.74 -2.47 -26.85
N ASP C 122 -10.75 -3.15 -27.98
CA ASP C 122 -10.77 -4.62 -27.97
C ASP C 122 -9.56 -5.17 -27.22
N GLU C 123 -8.40 -4.55 -27.42
CA GLU C 123 -7.17 -4.98 -26.76
C GLU C 123 -7.34 -5.03 -25.24
N GLN C 124 -7.77 -3.90 -24.64
CA GLN C 124 -7.99 -3.84 -23.20
C GLN C 124 -9.01 -4.89 -22.75
N LEU C 125 -10.06 -5.13 -23.53
CA LEU C 125 -11.10 -6.07 -23.12
C LEU C 125 -10.55 -7.47 -22.97
N LYS C 126 -9.56 -7.82 -23.79
CA LYS C 126 -8.97 -9.14 -23.76
C LYS C 126 -8.17 -9.38 -22.48
N SER C 127 -7.64 -8.32 -21.87
CA SER C 127 -6.97 -8.47 -20.58
C SER C 127 -7.94 -8.63 -19.41
N GLY C 128 -9.23 -8.39 -19.61
CA GLY C 128 -10.22 -8.66 -18.59
C GLY C 128 -10.82 -7.43 -17.91
N THR C 129 -10.48 -6.22 -18.36
CA THR C 129 -10.98 -4.99 -17.78
C THR C 129 -11.54 -4.08 -18.86
N ALA C 130 -12.64 -3.39 -18.54
CA ALA C 130 -13.30 -2.47 -19.46
C ALA C 130 -13.32 -1.07 -18.85
N SER C 131 -12.60 -0.14 -19.47
CA SER C 131 -12.64 1.28 -19.10
C SER C 131 -13.45 2.02 -20.15
N VAL C 132 -14.56 2.62 -19.72
CA VAL C 132 -15.40 3.47 -20.57
C VAL C 132 -15.14 4.93 -20.22
N VAL C 133 -14.86 5.75 -21.23
CA VAL C 133 -14.41 7.12 -21.03
C VAL C 133 -15.46 8.07 -21.59
N CYS C 134 -15.81 9.08 -20.79
CA CYS C 134 -16.69 10.17 -21.19
C CYS C 134 -15.91 11.47 -21.19
N LEU C 135 -16.02 12.24 -22.27
CA LEU C 135 -15.29 13.51 -22.41
C LEU C 135 -16.24 14.69 -22.51
N LEU C 136 -16.01 15.69 -21.65
CA LEU C 136 -16.69 16.98 -21.70
C LEU C 136 -15.71 18.07 -22.11
N ASN C 137 -15.88 18.62 -23.32
CA ASN C 137 -14.85 19.47 -23.90
C ASN C 137 -15.27 20.93 -23.90
N ASN C 138 -14.38 21.79 -23.39
CA ASN C 138 -14.43 23.23 -23.61
C ASN C 138 -15.74 23.86 -23.12
N PHE C 139 -16.00 23.72 -21.82
CA PHE C 139 -17.21 24.26 -21.23
C PHE C 139 -16.87 25.30 -20.18
N TYR C 140 -17.86 26.10 -19.82
CA TYR C 140 -17.70 27.16 -18.82
C TYR C 140 -19.08 27.56 -18.32
N PRO C 141 -19.27 27.71 -16.99
CA PRO C 141 -18.30 27.59 -15.89
C PRO C 141 -17.95 26.15 -15.51
N ARG C 142 -17.13 25.99 -14.47
CA ARG C 142 -16.51 24.70 -14.20
C ARG C 142 -17.52 23.69 -13.67
N GLU C 143 -18.65 24.15 -13.14
CA GLU C 143 -19.57 23.23 -12.50
C GLU C 143 -20.29 22.41 -13.57
N ALA C 144 -20.12 21.10 -13.48
CA ALA C 144 -20.80 20.17 -14.37
C ALA C 144 -21.06 18.89 -13.60
N LYS C 145 -22.02 18.12 -14.08
CA LYS C 145 -22.39 16.85 -13.49
C LYS C 145 -22.37 15.78 -14.56
N VAL C 146 -21.73 14.65 -14.26
CA VAL C 146 -21.69 13.52 -15.15
C VAL C 146 -22.27 12.35 -14.39
N GLN C 147 -23.20 11.64 -15.02
CA GLN C 147 -23.76 10.44 -14.45
C GLN C 147 -23.65 9.29 -15.43
N TRP C 148 -23.34 8.11 -14.94
CA TRP C 148 -23.29 6.93 -15.79
C TRP C 148 -24.59 6.16 -15.63
N LYS C 149 -25.07 5.64 -16.75
CA LYS C 149 -26.22 4.75 -16.76
C LYS C 149 -25.84 3.55 -17.58
N VAL C 150 -26.03 2.35 -17.04
CA VAL C 150 -25.77 1.15 -17.81
C VAL C 150 -27.11 0.44 -17.94
N ASP C 151 -27.58 0.32 -19.19
CA ASP C 151 -28.93 -0.16 -19.43
C ASP C 151 -29.92 0.62 -18.58
N ASN C 152 -29.75 1.94 -18.57
CA ASN C 152 -30.56 2.93 -17.86
C ASN C 152 -30.47 2.80 -16.34
N ALA C 153 -29.47 2.06 -15.82
CA ALA C 153 -29.27 1.89 -14.39
C ALA C 153 -28.15 2.82 -13.92
N LEU C 154 -28.49 3.76 -13.04
CA LEU C 154 -27.51 4.71 -12.50
C LEU C 154 -26.37 4.05 -11.74
N GLN C 155 -25.14 4.29 -12.20
CA GLN C 155 -23.97 3.72 -11.54
C GLN C 155 -23.55 4.59 -10.36
N SER C 156 -22.77 3.99 -9.46
CA SER C 156 -22.29 4.71 -8.28
C SER C 156 -21.01 4.05 -7.79
N GLY C 157 -19.96 4.82 -7.64
CA GLY C 157 -18.74 4.38 -6.99
C GLY C 157 -17.75 3.69 -7.89
N ASN C 158 -18.07 3.48 -9.17
CA ASN C 158 -17.20 2.76 -10.07
C ASN C 158 -16.66 3.65 -11.19
N SER C 159 -16.54 4.96 -10.92
CA SER C 159 -16.03 5.88 -11.92
C SER C 159 -15.10 6.89 -11.26
N GLN C 160 -14.17 7.43 -12.05
CA GLN C 160 -13.34 8.54 -11.58
C GLN C 160 -13.30 9.63 -12.64
N GLU C 161 -13.19 10.87 -12.18
CA GLU C 161 -13.18 12.02 -13.06
C GLU C 161 -11.94 12.84 -12.78
N SER C 162 -11.46 13.56 -13.80
CA SER C 162 -10.50 14.63 -13.56
C SER C 162 -10.77 15.78 -14.52
N VAL C 163 -10.35 16.97 -14.10
CA VAL C 163 -10.65 18.23 -14.78
C VAL C 163 -9.35 18.98 -15.01
N THR C 164 -9.25 19.59 -16.19
CA THR C 164 -8.10 20.43 -16.52
C THR C 164 -8.24 21.79 -15.85
N GLU C 165 -7.14 22.54 -15.81
CA GLU C 165 -7.25 23.94 -15.47
C GLU C 165 -7.84 24.72 -16.63
N GLN C 166 -8.24 25.96 -16.33
CA GLN C 166 -8.82 26.84 -17.33
C GLN C 166 -7.84 26.97 -18.50
N ASP C 167 -8.33 26.72 -19.72
CA ASP C 167 -7.50 26.80 -20.92
C ASP C 167 -6.88 28.17 -21.16
N SER C 168 -5.60 28.17 -21.55
CA SER C 168 -4.84 29.40 -21.70
C SER C 168 -5.35 30.27 -22.84
N LYS C 169 -5.99 29.69 -23.86
CA LYS C 169 -6.47 30.48 -24.99
C LYS C 169 -7.95 30.84 -24.92
N ASP C 170 -8.81 29.93 -24.46
CA ASP C 170 -10.24 30.22 -24.47
C ASP C 170 -10.87 30.17 -23.08
N SER C 171 -10.07 29.97 -22.04
CA SER C 171 -10.52 30.03 -20.64
C SER C 171 -11.61 29.01 -20.35
N THR C 172 -11.71 27.95 -21.14
CA THR C 172 -12.68 26.92 -20.83
C THR C 172 -12.06 25.82 -19.99
N TYR C 173 -12.91 24.91 -19.52
CA TYR C 173 -12.50 23.70 -18.83
C TYR C 173 -12.81 22.46 -19.65
N SER C 174 -12.09 21.38 -19.36
CA SER C 174 -12.42 20.07 -19.91
C SER C 174 -12.37 19.04 -18.79
N LEU C 175 -13.12 17.96 -18.97
CA LEU C 175 -13.29 16.96 -17.92
C LEU C 175 -13.30 15.56 -18.52
N SER C 176 -12.64 14.62 -17.87
CA SER C 176 -12.70 13.23 -18.27
C SER C 176 -13.22 12.41 -17.12
N SER C 177 -14.11 11.47 -17.41
CA SER C 177 -14.64 10.52 -16.44
C SER C 177 -14.42 9.10 -16.95
N THR C 178 -13.88 8.23 -16.10
CA THR C 178 -13.64 6.85 -16.50
C THR C 178 -14.47 5.92 -15.63
N LEU C 179 -15.34 5.13 -16.26
CA LEU C 179 -16.10 4.08 -15.61
C LEU C 179 -15.38 2.76 -15.82
N THR C 180 -15.02 2.08 -14.73
CA THR C 180 -14.25 0.87 -14.83
C THR C 180 -15.09 -0.33 -14.40
N LEU C 181 -15.05 -1.39 -15.22
CA LEU C 181 -15.83 -2.60 -15.00
C LEU C 181 -15.00 -3.78 -15.47
N SER C 182 -15.16 -4.91 -14.79
CA SER C 182 -14.59 -6.18 -15.21
C SER C 182 -15.18 -6.66 -16.54
N LYS C 183 -14.39 -7.46 -17.27
CA LYS C 183 -14.88 -8.09 -18.50
C LYS C 183 -16.21 -8.78 -18.28
N ALA C 184 -16.36 -9.48 -17.16
CA ALA C 184 -17.60 -10.22 -16.91
C ALA C 184 -18.78 -9.26 -16.81
N ASP C 185 -18.66 -8.23 -15.97
CA ASP C 185 -19.74 -7.28 -15.78
C ASP C 185 -20.04 -6.47 -17.05
N TYR C 186 -19.00 -6.13 -17.82
CA TYR C 186 -19.24 -5.32 -19.01
C TYR C 186 -20.06 -6.08 -20.05
N GLU C 187 -19.78 -7.36 -20.25
CA GLU C 187 -20.52 -8.16 -21.22
C GLU C 187 -21.89 -8.60 -20.72
N LYS C 188 -22.26 -8.25 -19.48
CA LYS C 188 -23.59 -8.58 -18.97
C LYS C 188 -24.67 -7.62 -19.44
N HIS C 189 -24.29 -6.46 -19.95
CA HIS C 189 -25.26 -5.43 -20.32
C HIS C 189 -24.94 -4.90 -21.71
N LYS C 190 -25.93 -4.21 -22.27
CA LYS C 190 -25.87 -3.76 -23.66
C LYS C 190 -25.62 -2.27 -23.77
N VAL C 191 -26.48 -1.44 -23.17
CA VAL C 191 -26.44 0.00 -23.41
C VAL C 191 -25.62 0.66 -22.30
N TYR C 192 -24.64 1.45 -22.72
CA TYR C 192 -23.76 2.23 -21.85
C TYR C 192 -23.93 3.70 -22.22
N ALA C 193 -24.19 4.54 -21.22
CA ALA C 193 -24.53 5.93 -21.50
C ALA C 193 -23.91 6.87 -20.49
N CYS C 194 -23.52 8.04 -20.98
CA CYS C 194 -23.04 9.15 -20.19
C CYS C 194 -24.09 10.25 -20.28
N GLU C 195 -24.58 10.72 -19.14
CA GLU C 195 -25.57 11.79 -19.08
C GLU C 195 -24.92 13.01 -18.46
N VAL C 196 -25.08 14.16 -19.11
CA VAL C 196 -24.33 15.36 -18.79
C VAL C 196 -25.31 16.49 -18.47
N THR C 197 -25.02 17.23 -17.40
CA THR C 197 -25.68 18.50 -17.17
C THR C 197 -24.62 19.58 -17.01
N HIS C 198 -24.98 20.80 -17.42
CA HIS C 198 -24.07 21.93 -17.42
C HIS C 198 -24.91 23.17 -17.65
N GLN C 199 -24.48 24.29 -17.04
CA GLN C 199 -25.25 25.52 -17.14
C GLN C 199 -25.43 26.00 -18.57
N GLY C 200 -24.53 25.62 -19.49
CA GLY C 200 -24.62 25.96 -20.90
C GLY C 200 -25.59 25.15 -21.74
N LEU C 201 -26.22 24.14 -21.15
CA LEU C 201 -27.17 23.26 -21.81
C LEU C 201 -28.56 23.54 -21.26
N SER C 202 -29.54 23.72 -22.16
CA SER C 202 -30.89 23.96 -21.67
C SER C 202 -31.54 22.69 -21.13
N SER C 203 -31.07 21.52 -21.54
CA SER C 203 -31.54 20.25 -20.99
C SER C 203 -30.34 19.30 -21.00
N PRO C 204 -30.37 18.24 -20.19
CA PRO C 204 -29.23 17.32 -20.18
C PRO C 204 -29.03 16.65 -21.54
N VAL C 205 -27.77 16.41 -21.88
CA VAL C 205 -27.37 15.73 -23.11
C VAL C 205 -26.84 14.35 -22.73
N THR C 206 -27.27 13.32 -23.45
CA THR C 206 -26.84 11.95 -23.20
C THR C 206 -26.21 11.40 -24.46
N LYS C 207 -25.01 10.82 -24.31
CA LYS C 207 -24.37 10.05 -25.37
C LYS C 207 -24.22 8.60 -24.90
N SER C 208 -24.52 7.67 -25.80
CA SER C 208 -24.54 6.26 -25.47
C SER C 208 -24.02 5.43 -26.65
N PHE C 209 -23.71 4.17 -26.36
CA PHE C 209 -23.36 3.20 -27.39
C PHE C 209 -23.86 1.82 -26.95
N ASN C 210 -24.05 0.96 -27.93
CA ASN C 210 -24.44 -0.44 -27.73
C ASN C 210 -23.21 -1.34 -27.86
N ARG C 211 -22.96 -2.16 -26.84
CA ARG C 211 -21.82 -3.05 -26.82
C ARG C 211 -21.77 -3.96 -28.05
N GLY C 212 -20.64 -3.92 -28.73
CA GLY C 212 -20.39 -4.69 -29.95
C GLY C 212 -20.78 -4.02 -31.26
N GLU C 213 -21.39 -2.84 -31.22
CA GLU C 213 -21.73 -2.16 -32.47
C GLU C 213 -20.63 -1.19 -32.86
N GLU D 1 15.93 28.75 1.56
CA GLU D 1 14.51 28.92 1.83
C GLU D 1 13.98 27.83 2.75
N VAL D 2 12.98 28.12 3.56
CA VAL D 2 12.40 27.10 4.42
C VAL D 2 11.65 26.08 3.58
N GLN D 3 11.71 24.80 3.97
CA GLN D 3 11.07 23.75 3.20
C GLN D 3 10.53 22.69 4.16
N LEU D 4 9.44 22.04 3.75
CA LEU D 4 8.91 20.87 4.44
C LEU D 4 8.58 19.81 3.41
N VAL D 5 8.65 18.54 3.82
CA VAL D 5 8.36 17.43 2.91
C VAL D 5 7.68 16.27 3.64
N GLU D 6 6.48 15.92 3.19
CA GLU D 6 5.74 14.80 3.75
C GLU D 6 6.15 13.50 3.07
N SER D 7 6.11 12.41 3.83
CA SER D 7 6.32 11.08 3.27
C SER D 7 5.24 10.14 3.79
N GLY D 8 5.02 9.05 3.06
CA GLY D 8 4.19 7.97 3.56
C GLY D 8 2.80 7.84 2.97
N GLY D 9 2.39 8.69 2.03
CA GLY D 9 1.06 8.53 1.47
C GLY D 9 0.91 7.29 0.59
N GLY D 10 -0.33 7.01 0.23
CA GLY D 10 -0.63 5.88 -0.63
C GLY D 10 -2.09 5.45 -0.46
N LEU D 11 -2.36 4.23 -0.90
CA LEU D 11 -3.68 3.62 -0.84
C LEU D 11 -3.84 2.83 0.46
N VAL D 12 -5.00 3.01 1.10
CA VAL D 12 -5.35 2.33 2.34
C VAL D 12 -6.74 1.75 2.18
N LYS D 13 -6.98 0.60 2.81
CA LYS D 13 -8.31 0.02 2.88
C LYS D 13 -9.04 0.64 4.07
N ALA D 14 -10.34 0.85 3.92
CA ALA D 14 -11.13 1.36 5.03
C ALA D 14 -10.91 0.52 6.28
N GLY D 15 -10.75 1.20 7.42
CA GLY D 15 -10.45 0.53 8.66
C GLY D 15 -8.98 0.30 8.92
N GLY D 16 -8.15 0.43 7.89
CA GLY D 16 -6.72 0.20 8.02
C GLY D 16 -5.99 1.38 8.59
N SER D 17 -4.66 1.23 8.67
CA SER D 17 -3.80 2.21 9.30
C SER D 17 -2.72 2.63 8.32
N LEU D 18 -2.32 3.90 8.44
CA LEU D 18 -1.23 4.46 7.65
C LEU D 18 -0.59 5.56 8.49
N ILE D 19 0.74 5.64 8.43
CA ILE D 19 1.50 6.60 9.21
C ILE D 19 2.26 7.51 8.24
N LEU D 20 2.13 8.82 8.46
CA LEU D 20 2.82 9.83 7.69
C LEU D 20 3.97 10.42 8.50
N SER D 21 4.97 10.94 7.79
CA SER D 21 6.05 11.69 8.42
C SER D 21 6.31 12.97 7.64
N CYS D 22 7.00 13.89 8.30
CA CYS D 22 7.31 15.20 7.76
C CYS D 22 8.72 15.56 8.17
N GLY D 23 9.57 15.90 7.20
CA GLY D 23 10.88 16.45 7.47
C GLY D 23 10.98 17.87 6.94
N VAL D 24 12.04 18.56 7.37
CA VAL D 24 12.18 19.98 7.11
C VAL D 24 13.59 20.29 6.63
N SER D 25 13.75 21.49 6.09
CA SER D 25 15.04 22.01 5.66
C SER D 25 15.17 23.46 6.09
N ASN D 26 16.35 23.81 6.62
CA ASN D 26 16.78 25.19 6.87
C ASN D 26 16.09 25.85 8.06
N PHE D 27 15.51 25.06 8.96
CA PHE D 27 15.07 25.58 10.26
C PHE D 27 14.91 24.41 11.23
N ARG D 28 14.83 24.73 12.51
CA ARG D 28 14.62 23.73 13.56
C ARG D 28 13.16 23.81 14.01
N ILE D 29 12.53 22.64 14.13
CA ILE D 29 11.12 22.62 14.48
C ILE D 29 10.88 22.93 15.95
N SER D 30 11.93 22.83 16.79
CA SER D 30 11.71 22.80 18.23
C SER D 30 11.00 24.06 18.73
N ALA D 31 11.23 25.20 18.09
CA ALA D 31 10.60 26.43 18.51
C ALA D 31 9.19 26.62 17.94
N HIS D 32 8.67 25.69 17.15
CA HIS D 32 7.42 25.89 16.44
C HIS D 32 6.37 24.87 16.85
N THR D 33 5.13 25.34 17.04
CA THR D 33 3.98 24.46 16.94
C THR D 33 3.86 23.91 15.52
N MET D 34 3.69 22.60 15.40
CA MET D 34 3.57 21.96 14.10
C MET D 34 2.14 21.43 13.90
N ASN D 35 1.67 21.48 12.67
CA ASN D 35 0.28 21.19 12.35
C ASN D 35 0.21 20.23 11.18
N TRP D 36 -0.87 19.46 11.12
CA TRP D 36 -1.27 18.74 9.92
C TRP D 36 -2.59 19.30 9.40
N VAL D 37 -2.68 19.46 8.08
CA VAL D 37 -3.87 19.98 7.40
C VAL D 37 -4.11 19.10 6.18
N ARG D 38 -5.38 18.91 5.80
CA ARG D 38 -5.69 18.14 4.62
C ARG D 38 -6.65 18.90 3.71
N ARG D 39 -6.48 18.69 2.41
CA ARG D 39 -7.36 19.24 1.38
C ARG D 39 -8.21 18.11 0.83
N VAL D 40 -9.52 18.18 1.05
CA VAL D 40 -10.43 17.13 0.64
C VAL D 40 -10.77 17.29 -0.84
N PRO D 41 -11.31 16.26 -1.51
CA PRO D 41 -11.55 16.37 -2.96
C PRO D 41 -12.43 17.54 -3.35
N GLY D 42 -13.34 17.97 -2.48
CA GLY D 42 -14.18 19.12 -2.79
C GLY D 42 -13.46 20.44 -2.86
N GLY D 43 -12.20 20.51 -2.41
CA GLY D 43 -11.39 21.70 -2.53
C GLY D 43 -11.07 22.43 -1.24
N GLY D 44 -11.86 22.21 -0.18
CA GLY D 44 -11.62 22.96 1.04
C GLY D 44 -10.54 22.35 1.91
N LEU D 45 -9.98 23.19 2.78
CA LEU D 45 -9.00 22.76 3.77
C LEU D 45 -9.66 22.41 5.09
N GLU D 46 -9.11 21.41 5.76
CA GLU D 46 -9.56 20.98 7.07
C GLU D 46 -8.35 20.87 8.00
N TRP D 47 -8.36 21.66 9.08
CA TRP D 47 -7.34 21.45 10.10
C TRP D 47 -7.54 20.09 10.75
N VAL D 48 -6.45 19.37 10.93
CA VAL D 48 -6.49 17.98 11.40
C VAL D 48 -5.95 17.84 12.81
N ALA D 49 -4.74 18.34 13.06
CA ALA D 49 -4.10 18.13 14.35
C ALA D 49 -3.01 19.16 14.55
N SER D 50 -2.69 19.41 15.82
CA SER D 50 -1.59 20.29 16.16
C SER D 50 -0.86 19.70 17.35
N ILE D 51 0.42 20.05 17.48
CA ILE D 51 1.24 19.68 18.64
C ILE D 51 2.08 20.88 19.05
N SER D 52 1.94 21.30 20.31
CA SER D 52 2.65 22.49 20.76
C SER D 52 4.13 22.18 20.94
N THR D 53 4.91 23.23 21.15
CA THR D 53 6.32 23.05 21.48
C THR D 53 6.44 22.23 22.75
N SER D 54 7.48 21.39 22.81
CA SER D 54 7.72 20.47 23.92
C SER D 54 6.60 19.44 24.10
N SER D 55 5.69 19.34 23.13
CA SER D 55 4.56 18.40 23.15
C SER D 55 3.70 18.59 24.39
N THR D 56 3.61 19.83 24.87
CA THR D 56 2.76 20.18 26.00
C THR D 56 1.28 19.90 25.69
N TYR D 57 0.85 20.06 24.44
CA TYR D 57 -0.56 19.81 24.13
C TYR D 57 -0.70 19.24 22.74
N ARG D 58 -1.60 18.27 22.60
CA ARG D 58 -1.97 17.75 21.31
C ARG D 58 -3.46 17.97 21.10
N ASP D 59 -3.82 18.70 20.05
CA ASP D 59 -5.22 19.07 19.82
C ASP D 59 -5.62 18.42 18.51
N TYR D 60 -6.86 17.94 18.42
CA TYR D 60 -7.31 17.21 17.25
C TYR D 60 -8.67 17.71 16.80
N ALA D 61 -8.90 17.67 15.48
CA ALA D 61 -10.23 17.89 14.95
C ALA D 61 -11.19 16.82 15.46
N ASP D 62 -12.45 17.23 15.63
CA ASP D 62 -13.48 16.33 16.12
C ASP D 62 -13.62 15.08 15.26
N ALA D 63 -13.45 15.22 13.94
CA ALA D 63 -13.67 14.12 13.02
C ALA D 63 -12.60 13.04 13.13
N VAL D 64 -11.45 13.36 13.72
CA VAL D 64 -10.33 12.44 13.85
C VAL D 64 -9.94 12.17 15.29
N LYS D 65 -10.56 12.83 16.27
CA LYS D 65 -10.18 12.60 17.66
C LYS D 65 -10.40 11.15 18.04
N GLY D 66 -9.42 10.56 18.72
CA GLY D 66 -9.49 9.17 19.09
C GLY D 66 -8.99 8.21 18.03
N ARG D 67 -8.73 8.68 16.82
CA ARG D 67 -8.23 7.87 15.71
C ARG D 67 -6.85 8.28 15.24
N PHE D 68 -6.51 9.55 15.35
CA PHE D 68 -5.23 10.06 14.88
C PHE D 68 -4.35 10.41 16.08
N THR D 69 -3.04 10.32 15.89
CA THR D 69 -2.08 10.73 16.90
C THR D 69 -0.98 11.52 16.21
N VAL D 70 -0.60 12.65 16.79
CA VAL D 70 0.54 13.43 16.29
C VAL D 70 1.68 13.36 17.30
N SER D 71 2.89 13.22 16.78
CA SER D 71 4.11 13.18 17.58
C SER D 71 5.16 14.08 16.92
N ARG D 72 6.09 14.58 17.73
CA ARG D 72 7.18 15.38 17.21
C ARG D 72 8.51 14.84 17.74
N ASP D 73 9.56 15.00 16.92
CA ASP D 73 10.91 14.56 17.24
C ASP D 73 11.74 15.83 17.02
N ASP D 74 11.94 16.62 18.08
CA ASP D 74 12.59 17.92 17.94
C ASP D 74 14.10 17.82 17.72
N LEU D 75 14.68 16.66 17.97
CA LEU D 75 16.13 16.47 17.87
C LEU D 75 16.56 16.18 16.44
N GLU D 76 15.74 15.46 15.67
CA GLU D 76 16.03 15.24 14.26
C GLU D 76 15.02 15.91 13.33
N ASP D 77 14.11 16.73 13.87
CA ASP D 77 13.26 17.63 13.08
C ASP D 77 12.29 16.85 12.21
N PHE D 78 11.46 16.02 12.84
CA PHE D 78 10.37 15.30 12.19
C PHE D 78 9.06 15.50 12.94
N VAL D 79 7.97 15.45 12.20
CA VAL D 79 6.63 15.35 12.75
C VAL D 79 5.99 14.10 12.17
N TYR D 80 5.15 13.45 12.97
CA TYR D 80 4.49 12.21 12.57
C TYR D 80 2.97 12.38 12.69
N LEU D 81 2.24 11.65 11.85
CA LEU D 81 0.79 11.55 12.00
C LEU D 81 0.38 10.09 11.86
N GLN D 82 -0.01 9.46 12.97
CA GLN D 82 -0.64 8.15 12.90
C GLN D 82 -2.11 8.29 12.57
N MET D 83 -2.57 7.55 11.57
CA MET D 83 -3.99 7.52 11.23
C MET D 83 -4.48 6.09 11.33
N HIS D 84 -5.41 5.84 12.25
CA HIS D 84 -5.94 4.50 12.45
C HIS D 84 -7.44 4.50 12.16
N LYS D 85 -7.99 3.29 11.99
CA LYS D 85 -9.41 3.10 11.73
C LYS D 85 -9.90 4.07 10.65
N MET D 86 -9.18 4.11 9.54
CA MET D 86 -9.37 5.18 8.58
C MET D 86 -10.70 5.03 7.85
N ARG D 87 -11.25 6.18 7.46
CA ARG D 87 -12.57 6.29 6.85
C ARG D 87 -12.40 6.89 5.47
N VAL D 88 -13.35 6.59 4.58
CA VAL D 88 -13.30 7.12 3.23
C VAL D 88 -13.13 8.63 3.23
N GLU D 89 -13.77 9.33 4.17
CA GLU D 89 -13.70 10.78 4.17
C GLU D 89 -12.38 11.33 4.68
N ASP D 90 -11.47 10.48 5.15
CA ASP D 90 -10.11 10.92 5.38
C ASP D 90 -9.30 11.07 4.09
N THR D 91 -9.83 10.62 2.96
CA THR D 91 -9.15 10.74 1.68
C THR D 91 -8.89 12.21 1.36
N ALA D 92 -7.63 12.56 1.14
CA ALA D 92 -7.25 13.96 0.94
C ALA D 92 -5.76 14.05 0.67
N ILE D 93 -5.32 15.23 0.30
CA ILE D 93 -3.90 15.59 0.29
C ILE D 93 -3.57 16.13 1.67
N TYR D 94 -2.57 15.54 2.31
CA TYR D 94 -2.19 15.93 3.66
C TYR D 94 -0.93 16.81 3.62
N TYR D 95 -1.00 17.96 4.26
CA TYR D 95 0.14 18.88 4.34
C TYR D 95 0.61 19.04 5.78
N CYS D 96 1.91 19.24 5.91
CA CYS D 96 2.59 19.52 7.17
C CYS D 96 2.97 20.99 7.17
N ALA D 97 2.50 21.74 8.17
CA ALA D 97 2.61 23.19 8.17
C ALA D 97 3.09 23.70 9.52
N ARG D 98 4.04 24.65 9.51
CA ARG D 98 4.52 25.21 10.76
C ARG D 98 3.74 26.48 11.09
N LYS D 99 3.41 26.64 12.36
CA LYS D 99 2.89 27.87 12.93
C LYS D 99 4.03 28.84 13.27
N GLY D 100 4.01 30.05 12.72
CA GLY D 100 5.14 30.96 12.91
C GLY D 100 5.00 32.26 12.14
N SER D 101 5.95 33.16 12.40
CA SER D 101 5.97 34.49 11.78
C SER D 101 7.39 35.04 11.84
N ASP D 102 7.58 36.25 11.30
CA ASP D 102 8.87 36.93 11.35
C ASP D 102 9.39 37.04 12.79
N ARG D 103 8.49 37.26 13.74
CA ARG D 103 8.81 37.25 15.15
C ARG D 103 7.77 36.37 15.84
N LEU D 104 8.23 35.27 16.42
CA LEU D 104 7.33 34.30 17.00
C LEU D 104 6.53 34.91 18.15
N SER D 105 5.22 34.67 18.14
CA SER D 105 4.35 35.16 19.20
C SER D 105 3.51 34.00 19.72
N ASP D 106 2.58 34.32 20.63
CA ASP D 106 1.72 33.29 21.20
C ASP D 106 0.73 32.72 20.17
N ASN D 107 0.50 33.45 19.08
CA ASN D 107 -0.45 33.00 18.06
C ASN D 107 -0.10 33.59 16.70
N ASP D 108 0.54 32.78 15.87
CA ASP D 108 1.02 33.14 14.55
C ASP D 108 0.24 32.38 13.50
N PRO D 109 0.25 32.84 12.24
CA PRO D 109 -0.40 32.07 11.17
C PRO D 109 0.44 30.87 10.74
N PHE D 110 0.05 30.21 9.65
CA PHE D 110 0.84 29.10 9.09
C PHE D 110 1.68 29.64 7.94
N ASP D 111 2.95 29.94 8.23
CA ASP D 111 3.80 30.64 7.26
C ASP D 111 4.61 29.71 6.37
N ALA D 112 4.60 28.39 6.61
CA ALA D 112 5.36 27.47 5.76
C ALA D 112 4.64 26.13 5.65
N TRP D 113 4.55 25.60 4.42
CA TRP D 113 3.78 24.41 4.11
C TRP D 113 4.60 23.46 3.24
N GLY D 114 4.43 22.16 3.47
CA GLY D 114 4.95 21.16 2.56
C GLY D 114 4.09 21.05 1.31
N PRO D 115 4.63 20.33 0.31
CA PRO D 115 3.88 20.18 -0.95
C PRO D 115 2.70 19.24 -0.85
N GLY D 116 2.62 18.42 0.18
CA GLY D 116 1.47 17.56 0.36
C GLY D 116 1.77 16.12 -0.07
N THR D 117 1.10 15.18 0.60
CA THR D 117 1.16 13.77 0.24
C THR D 117 -0.26 13.24 0.08
N VAL D 118 -0.48 12.46 -0.98
CA VAL D 118 -1.82 11.98 -1.29
C VAL D 118 -2.13 10.74 -0.46
N VAL D 119 -3.28 10.76 0.20
CA VAL D 119 -3.77 9.63 0.99
C VAL D 119 -5.15 9.27 0.46
N THR D 120 -5.32 8.01 0.06
CA THR D 120 -6.56 7.56 -0.56
C THR D 120 -7.09 6.34 0.18
N VAL D 121 -8.32 6.43 0.67
CA VAL D 121 -8.96 5.36 1.42
C VAL D 121 -10.05 4.77 0.54
N SER D 122 -9.91 3.50 0.20
CA SER D 122 -10.92 2.88 -0.63
C SER D 122 -12.09 2.40 0.22
N PRO D 123 -13.30 2.39 -0.33
CA PRO D 123 -14.48 2.13 0.53
C PRO D 123 -14.57 0.70 1.01
N ALA D 124 -14.04 -0.25 0.26
CA ALA D 124 -14.18 -1.65 0.65
C ALA D 124 -13.12 -1.98 1.69
N SER D 125 -13.57 -2.40 2.87
CA SER D 125 -12.71 -2.90 3.93
C SER D 125 -12.49 -4.40 3.85
N THR D 126 -13.27 -5.10 3.04
CA THR D 126 -13.15 -6.54 2.84
C THR D 126 -13.46 -6.89 1.39
N LYS D 127 -13.11 -8.12 1.04
CA LYS D 127 -13.38 -8.65 -0.29
C LYS D 127 -13.41 -10.16 -0.18
N GLY D 128 -14.50 -10.77 -0.66
CA GLY D 128 -14.64 -12.21 -0.63
C GLY D 128 -13.78 -12.90 -1.68
N PRO D 129 -13.43 -14.15 -1.44
CA PRO D 129 -12.56 -14.86 -2.37
C PRO D 129 -13.30 -15.35 -3.60
N SER D 130 -12.54 -15.46 -4.70
CA SER D 130 -12.89 -16.34 -5.80
C SER D 130 -12.36 -17.75 -5.54
N VAL D 131 -13.18 -18.75 -5.86
CA VAL D 131 -12.82 -20.15 -5.63
C VAL D 131 -12.83 -20.89 -6.96
N PHE D 132 -11.67 -21.43 -7.34
CA PHE D 132 -11.53 -22.16 -8.59
C PHE D 132 -11.13 -23.60 -8.31
N PRO D 133 -11.57 -24.55 -9.14
CA PRO D 133 -11.25 -25.96 -8.88
C PRO D 133 -9.84 -26.33 -9.32
N LEU D 134 -9.20 -27.16 -8.50
CA LEU D 134 -7.95 -27.84 -8.86
C LEU D 134 -8.28 -29.28 -9.23
N ALA D 135 -8.43 -29.54 -10.52
CA ALA D 135 -9.02 -30.78 -11.02
C ALA D 135 -7.98 -31.90 -10.97
N PRO D 136 -8.37 -33.10 -10.55
CA PRO D 136 -7.41 -34.22 -10.54
C PRO D 136 -6.99 -34.58 -11.95
N SER D 137 -5.75 -35.05 -12.07
CA SER D 137 -5.17 -35.34 -13.36
C SER D 137 -5.81 -36.58 -13.97
N SER D 138 -6.26 -36.46 -15.22
CA SER D 138 -6.86 -37.58 -15.93
C SER D 138 -5.88 -38.74 -16.11
N LYS D 139 -4.58 -38.46 -16.03
CA LYS D 139 -3.53 -39.45 -16.25
C LYS D 139 -3.03 -40.04 -14.93
N SER D 140 -3.91 -40.20 -13.94
CA SER D 140 -3.48 -40.72 -12.65
C SER D 140 -3.11 -42.21 -12.76
N THR D 141 -2.47 -42.70 -11.71
CA THR D 141 -2.11 -44.12 -11.65
C THR D 141 -3.33 -44.95 -11.30
N SER D 142 -3.47 -46.10 -11.97
CA SER D 142 -4.63 -46.96 -11.80
C SER D 142 -4.51 -47.74 -10.49
N GLY D 143 -5.31 -47.37 -9.49
CA GLY D 143 -5.31 -48.08 -8.23
C GLY D 143 -5.47 -47.19 -7.01
N GLY D 144 -5.12 -45.93 -7.15
CA GLY D 144 -5.24 -45.00 -6.04
C GLY D 144 -4.30 -43.82 -6.24
N THR D 145 -4.16 -43.05 -5.15
CA THR D 145 -3.18 -41.97 -5.03
C THR D 145 -3.43 -40.85 -6.05
N ALA D 146 -4.55 -40.15 -5.86
CA ALA D 146 -4.88 -39.01 -6.70
C ALA D 146 -4.93 -37.76 -5.84
N ALA D 147 -4.66 -36.60 -6.46
CA ALA D 147 -4.72 -35.32 -5.77
C ALA D 147 -5.76 -34.40 -6.39
N LEU D 148 -6.56 -33.76 -5.54
CA LEU D 148 -7.48 -32.71 -5.98
C LEU D 148 -7.45 -31.58 -4.96
N GLY D 149 -8.04 -30.44 -5.31
CA GLY D 149 -8.12 -29.36 -4.34
C GLY D 149 -8.90 -28.17 -4.86
N CYS D 150 -8.82 -27.08 -4.09
CA CYS D 150 -9.42 -25.79 -4.39
C CYS D 150 -8.38 -24.69 -4.30
N LEU D 151 -8.44 -23.73 -5.23
CA LEU D 151 -7.62 -22.53 -5.15
C LEU D 151 -8.51 -21.37 -4.68
N VAL D 152 -8.13 -20.77 -3.55
CA VAL D 152 -8.90 -19.69 -2.94
C VAL D 152 -8.13 -18.40 -3.17
N LYS D 153 -8.54 -17.61 -4.16
CA LYS D 153 -7.72 -16.53 -4.69
C LYS D 153 -8.43 -15.19 -4.48
N ASP D 154 -7.61 -14.16 -4.20
CA ASP D 154 -8.01 -12.75 -4.20
C ASP D 154 -9.06 -12.42 -3.13
N TYR D 155 -8.64 -12.52 -1.87
CA TYR D 155 -9.49 -12.16 -0.75
C TYR D 155 -8.71 -11.29 0.22
N PHE D 156 -9.44 -10.62 1.12
CA PHE D 156 -8.84 -9.66 2.04
C PHE D 156 -9.84 -9.30 3.15
N PRO D 157 -9.40 -9.25 4.42
CA PRO D 157 -8.10 -9.67 4.93
C PRO D 157 -8.12 -11.14 5.33
N GLU D 158 -7.04 -11.64 5.91
CA GLU D 158 -7.06 -12.99 6.46
C GLU D 158 -8.00 -13.05 7.67
N PRO D 159 -8.45 -14.25 8.06
CA PRO D 159 -8.18 -15.53 7.41
C PRO D 159 -9.38 -16.13 6.69
N VAL D 160 -9.13 -17.21 5.94
CA VAL D 160 -10.17 -18.10 5.42
C VAL D 160 -10.00 -19.46 6.06
N THR D 161 -11.10 -20.14 6.34
CA THR D 161 -11.06 -21.52 6.77
C THR D 161 -11.65 -22.40 5.68
N VAL D 162 -11.10 -23.60 5.54
CA VAL D 162 -11.53 -24.54 4.51
C VAL D 162 -11.75 -25.89 5.16
N SER D 163 -12.86 -26.53 4.84
CA SER D 163 -13.12 -27.93 5.15
C SER D 163 -13.47 -28.65 3.85
N TRP D 164 -13.56 -29.98 3.93
CA TRP D 164 -13.91 -30.78 2.77
C TRP D 164 -15.09 -31.66 3.14
N ASN D 165 -16.11 -31.67 2.27
CA ASN D 165 -17.35 -32.42 2.50
C ASN D 165 -17.88 -32.15 3.90
N SER D 166 -17.95 -30.86 4.27
CA SER D 166 -18.52 -30.43 5.54
C SER D 166 -17.82 -31.07 6.73
N GLY D 167 -16.54 -31.41 6.59
CA GLY D 167 -15.78 -31.97 7.69
C GLY D 167 -15.69 -33.48 7.70
N ALA D 168 -16.33 -34.18 6.76
CA ALA D 168 -16.25 -35.63 6.74
C ALA D 168 -14.93 -36.13 6.17
N LEU D 169 -14.26 -35.35 5.33
CA LEU D 169 -12.98 -35.73 4.75
C LEU D 169 -11.88 -34.93 5.44
N THR D 170 -11.13 -35.58 6.33
CA THR D 170 -10.03 -34.91 7.01
C THR D 170 -8.68 -35.54 6.75
N SER D 171 -8.59 -36.86 6.65
CA SER D 171 -7.32 -37.52 6.39
C SER D 171 -6.73 -37.04 5.07
N GLY D 172 -5.44 -36.73 5.07
CA GLY D 172 -4.76 -36.33 3.85
C GLY D 172 -4.98 -34.90 3.43
N VAL D 173 -5.61 -34.07 4.25
CA VAL D 173 -5.91 -32.69 3.88
C VAL D 173 -4.77 -31.79 4.34
N HIS D 174 -4.30 -30.93 3.44
CA HIS D 174 -3.37 -29.86 3.74
C HIS D 174 -3.92 -28.53 3.25
N THR D 175 -4.20 -27.63 4.17
CA THR D 175 -4.53 -26.25 3.82
C THR D 175 -3.30 -25.41 4.08
N PHE D 176 -2.78 -24.76 3.03
CA PHE D 176 -1.49 -24.11 3.11
C PHE D 176 -1.63 -22.70 3.67
N PRO D 177 -0.56 -22.15 4.25
CA PRO D 177 -0.57 -20.73 4.61
C PRO D 177 -0.82 -19.87 3.37
N ALA D 178 -1.57 -18.79 3.58
CA ALA D 178 -1.80 -17.83 2.50
C ALA D 178 -0.50 -17.11 2.13
N VAL D 179 -0.44 -16.66 0.88
CA VAL D 179 0.61 -15.76 0.41
C VAL D 179 -0.02 -14.42 0.05
N LEU D 180 0.71 -13.34 0.31
CA LEU D 180 0.28 -11.99 -0.07
C LEU D 180 0.73 -11.69 -1.50
N GLN D 181 -0.23 -11.54 -2.41
CA GLN D 181 0.05 -11.25 -3.80
C GLN D 181 0.38 -9.77 -3.99
N SER D 182 1.04 -9.47 -5.12
CA SER D 182 1.41 -8.10 -5.45
C SER D 182 0.20 -7.17 -5.56
N SER D 183 -1.01 -7.72 -5.67
CA SER D 183 -2.22 -6.92 -5.71
C SER D 183 -2.70 -6.48 -4.33
N GLY D 184 -2.08 -6.95 -3.26
CA GLY D 184 -2.57 -6.72 -1.92
C GLY D 184 -3.66 -7.64 -1.46
N LEU D 185 -4.05 -8.62 -2.28
CA LEU D 185 -5.02 -9.62 -1.90
C LEU D 185 -4.33 -10.95 -1.62
N TYR D 186 -4.92 -11.74 -0.72
CA TYR D 186 -4.35 -13.01 -0.33
C TYR D 186 -4.85 -14.15 -1.20
N SER D 187 -4.07 -15.23 -1.22
CA SER D 187 -4.42 -16.41 -2.01
C SER D 187 -3.81 -17.63 -1.37
N LEU D 188 -4.62 -18.68 -1.21
CA LEU D 188 -4.16 -19.95 -0.68
C LEU D 188 -4.85 -21.09 -1.42
N SER D 189 -4.21 -22.26 -1.40
CA SER D 189 -4.77 -23.45 -2.02
C SER D 189 -4.89 -24.51 -0.93
N SER D 190 -5.97 -25.30 -1.01
CA SER D 190 -6.19 -26.42 -0.10
C SER D 190 -6.34 -27.70 -0.93
N VAL D 191 -5.55 -28.72 -0.59
CA VAL D 191 -5.54 -29.96 -1.36
C VAL D 191 -5.79 -31.14 -0.44
N VAL D 192 -6.13 -32.27 -1.05
CA VAL D 192 -6.33 -33.55 -0.36
C VAL D 192 -5.99 -34.67 -1.33
N THR D 193 -5.36 -35.72 -0.81
CA THR D 193 -5.11 -36.92 -1.60
C THR D 193 -6.12 -38.00 -1.24
N VAL D 194 -6.63 -38.69 -2.25
CA VAL D 194 -7.64 -39.73 -2.10
C VAL D 194 -7.36 -40.84 -3.08
N PRO D 195 -7.97 -42.01 -2.88
CA PRO D 195 -7.80 -43.10 -3.86
C PRO D 195 -8.35 -42.69 -5.22
N SER D 196 -7.55 -42.95 -6.26
CA SER D 196 -7.99 -42.65 -7.63
C SER D 196 -9.27 -43.41 -7.95
N SER D 197 -9.46 -44.56 -7.30
CA SER D 197 -10.62 -45.40 -7.54
C SER D 197 -11.91 -44.73 -7.09
N SER D 198 -11.84 -43.76 -6.18
CA SER D 198 -13.07 -43.15 -5.70
C SER D 198 -13.56 -42.06 -6.63
N LEU D 199 -12.79 -41.71 -7.67
CA LEU D 199 -13.20 -40.65 -8.58
C LEU D 199 -14.45 -41.14 -9.28
N GLY D 200 -15.51 -40.35 -9.24
CA GLY D 200 -16.74 -40.77 -9.88
C GLY D 200 -17.74 -41.16 -8.82
N THR D 201 -17.29 -41.76 -7.72
CA THR D 201 -18.28 -42.21 -6.74
C THR D 201 -18.39 -41.16 -5.64
N GLN D 202 -17.27 -40.82 -5.03
CA GLN D 202 -17.29 -39.89 -3.91
C GLN D 202 -17.48 -38.50 -4.50
N THR D 203 -18.37 -37.70 -3.94
CA THR D 203 -18.47 -36.33 -4.41
C THR D 203 -17.55 -35.50 -3.52
N TYR D 204 -16.78 -34.58 -4.13
CA TYR D 204 -15.83 -33.79 -3.37
C TYR D 204 -16.14 -32.30 -3.52
N ILE D 205 -16.48 -31.67 -2.41
CA ILE D 205 -16.85 -30.27 -2.31
C ILE D 205 -15.97 -29.63 -1.25
N CYS D 206 -15.30 -28.53 -1.60
CA CYS D 206 -14.52 -27.77 -0.63
C CYS D 206 -15.38 -26.61 -0.11
N ASN D 207 -15.44 -26.49 1.21
CA ASN D 207 -16.25 -25.47 1.88
C ASN D 207 -15.33 -24.35 2.36
N VAL D 208 -15.38 -23.23 1.66
CA VAL D 208 -14.56 -22.06 1.95
C VAL D 208 -15.39 -21.08 2.76
N ASN D 209 -14.87 -20.68 3.92
CA ASN D 209 -15.53 -19.73 4.79
C ASN D 209 -14.59 -18.54 4.97
N HIS D 210 -15.10 -17.34 4.74
CA HIS D 210 -14.35 -16.10 4.91
C HIS D 210 -15.15 -15.20 5.85
N LYS D 211 -14.86 -15.33 7.14
CA LYS D 211 -15.64 -14.60 8.15
C LYS D 211 -15.59 -13.09 8.00
N PRO D 212 -14.44 -12.45 7.68
CA PRO D 212 -14.45 -10.98 7.55
C PRO D 212 -15.50 -10.44 6.60
N SER D 213 -15.69 -11.05 5.44
CA SER D 213 -16.71 -10.60 4.51
C SER D 213 -17.99 -11.42 4.62
N ASN D 214 -18.06 -12.31 5.61
CA ASN D 214 -19.22 -13.19 5.82
C ASN D 214 -19.61 -13.88 4.52
N THR D 215 -18.61 -14.39 3.81
CA THR D 215 -18.79 -15.09 2.55
C THR D 215 -18.50 -16.57 2.75
N LYS D 216 -19.39 -17.42 2.25
CA LYS D 216 -19.17 -18.86 2.22
C LYS D 216 -19.41 -19.36 0.80
N VAL D 217 -18.50 -20.21 0.34
CA VAL D 217 -18.56 -20.79 -1.01
C VAL D 217 -18.31 -22.28 -0.91
N ASP D 218 -19.16 -23.06 -1.56
CA ASP D 218 -19.00 -24.49 -1.74
C ASP D 218 -18.79 -24.75 -3.22
N LYS D 219 -17.61 -25.25 -3.59
CA LYS D 219 -17.26 -25.51 -4.97
C LYS D 219 -17.06 -27.01 -5.15
N LYS D 220 -17.74 -27.58 -6.14
CA LYS D 220 -17.56 -28.99 -6.48
C LYS D 220 -16.44 -29.15 -7.50
N VAL D 221 -15.51 -30.04 -7.18
CA VAL D 221 -14.31 -30.35 -7.96
C VAL D 221 -14.47 -31.71 -8.63
N GLU D 222 -14.31 -31.75 -9.95
CA GLU D 222 -14.52 -32.97 -10.70
C GLU D 222 -13.44 -33.13 -11.76
N PRO D 223 -13.24 -34.35 -12.27
CA PRO D 223 -12.25 -34.58 -13.33
C PRO D 223 -12.51 -33.80 -14.61
N LYS D 224 -11.43 -33.55 -15.34
CA LYS D 224 -11.44 -32.80 -16.59
C LYS D 224 -12.07 -31.42 -16.46
C1 NAG E . 27.14 17.25 39.66
C2 NAG E . 26.23 16.10 40.06
C3 NAG E . 26.80 14.77 39.60
C4 NAG E . 27.12 14.82 38.10
C5 NAG E . 27.98 16.04 37.79
C6 NAG E . 28.23 16.22 36.30
C7 NAG E . 24.88 15.70 42.09
C8 NAG E . 24.85 15.75 43.58
N2 NAG E . 26.03 16.08 41.51
O3 NAG E . 25.89 13.72 39.86
O4 NAG E . 27.83 13.64 37.75
O5 NAG E . 27.34 17.23 38.26
O6 NAG E . 28.63 17.56 36.00
O7 NAG E . 23.91 15.35 41.42
C1 NAG E . 27.11 12.89 36.74
C2 NAG E . 28.02 11.75 36.32
C3 NAG E . 27.31 10.85 35.30
C4 NAG E . 25.93 10.44 35.79
C5 NAG E . 25.14 11.65 36.25
C6 NAG E . 23.80 11.31 36.86
C7 NAG E . 30.45 12.13 36.33
C8 NAG E . 31.62 12.75 35.61
N2 NAG E . 29.26 12.27 35.75
O3 NAG E . 28.09 9.68 35.08
O4 NAG E . 25.23 9.81 34.73
O5 NAG E . 25.89 12.36 37.25
O6 NAG E . 22.91 12.42 36.80
O7 NAG E . 30.58 11.52 37.39
C1 BMA E . 24.78 8.47 35.04
C2 BMA E . 24.24 7.90 33.72
C3 BMA E . 23.75 6.48 33.92
C4 BMA E . 24.85 5.63 34.55
C5 BMA E . 25.36 6.28 35.84
C6 BMA E . 26.55 5.54 36.39
O2 BMA E . 25.27 7.85 32.73
O3 BMA E . 23.33 5.92 32.68
O4 BMA E . 24.33 4.35 34.85
O5 BMA E . 25.80 7.63 35.55
O6 BMA E . 27.30 5.08 35.28
C1 MAN E . 21.90 5.72 32.72
C2 MAN E . 21.48 4.99 31.41
C3 MAN E . 21.58 5.93 30.22
C4 MAN E . 20.74 7.17 30.48
C5 MAN E . 21.24 7.89 31.74
C6 MAN E . 20.40 9.09 32.12
O2 MAN E . 20.10 4.65 31.48
O3 MAN E . 21.18 5.30 29.02
O4 MAN E . 20.83 8.06 29.38
O5 MAN E . 21.20 6.96 32.86
O6 MAN E . 20.68 9.41 33.49
C1 MAN E . 19.89 3.24 31.25
C2 MAN E . 18.39 3.07 31.05
C3 MAN E . 17.72 3.56 32.32
C4 MAN E . 18.22 2.76 33.55
C5 MAN E . 19.76 2.76 33.63
C6 MAN E . 20.30 1.71 34.60
O2 MAN E . 18.05 1.68 30.95
O3 MAN E . 16.31 3.49 32.23
O4 MAN E . 17.71 3.35 34.73
O5 MAN E . 20.35 2.46 32.32
O6 MAN E . 21.63 2.08 34.96
C1 MAN E . 17.47 1.42 29.65
C2 MAN E . 16.93 -0.04 29.69
C3 MAN E . 18.08 -1.04 29.70
C4 MAN E . 19.08 -0.74 28.57
C5 MAN E . 19.57 0.70 28.66
C6 MAN E . 20.46 1.10 27.49
O2 MAN E . 16.18 -0.32 28.51
O3 MAN E . 17.61 -2.38 29.61
O4 MAN E . 20.20 -1.61 28.68
O5 MAN E . 18.43 1.59 28.62
O6 MAN E . 19.94 2.30 26.93
C1 MAN E . 28.57 4.57 35.75
C2 MAN E . 29.58 4.71 34.61
C3 MAN E . 29.17 3.88 33.40
C4 MAN E . 28.84 2.43 33.81
C5 MAN E . 27.92 2.39 35.07
C6 MAN E . 27.77 1.00 35.65
O2 MAN E . 30.81 4.13 35.02
O3 MAN E . 30.22 3.87 32.42
O4 MAN E . 28.20 1.77 32.72
O5 MAN E . 28.43 3.22 36.10
O6 MAN E . 29.07 0.50 35.99
C1 MAN E . 29.72 4.07 31.09
C2 MAN E . 30.86 3.74 30.12
C3 MAN E . 31.98 4.74 30.35
C4 MAN E . 31.46 6.16 30.12
C5 MAN E . 30.28 6.43 31.07
C6 MAN E . 29.60 7.76 30.82
O2 MAN E . 30.45 3.98 28.77
O3 MAN E . 33.09 4.46 29.52
O4 MAN E . 32.49 7.10 30.36
O5 MAN E . 29.27 5.39 30.90
O6 MAN E . 28.58 7.93 31.79
C1 MAN E . 30.84 2.93 27.87
C2 MAN E . 30.61 3.47 26.46
C3 MAN E . 29.12 3.83 26.30
C4 MAN E . 28.20 2.66 26.75
C5 MAN E . 28.65 2.05 28.09
C6 MAN E . 27.96 0.73 28.42
O2 MAN E . 30.89 2.48 25.46
O3 MAN E . 28.82 4.23 24.96
O4 MAN E . 26.89 3.16 26.91
O5 MAN E . 30.07 1.80 28.09
O6 MAN E . 28.34 0.35 29.74
C1 MAN E . 28.95 -0.88 36.38
C2 MAN E . 30.33 -1.34 36.92
C3 MAN E . 31.31 -1.42 35.76
C4 MAN E . 30.75 -2.38 34.69
C5 MAN E . 29.44 -1.79 34.16
C6 MAN E . 28.78 -2.65 33.08
O2 MAN E . 30.30 -2.69 37.43
O3 MAN E . 32.61 -1.83 36.17
O4 MAN E . 31.68 -2.54 33.64
O5 MAN E . 28.51 -1.69 35.27
O6 MAN E . 27.87 -3.54 33.71
C1 MAN E . 29.82 -2.83 38.80
C2 MAN E . 30.34 -1.67 39.73
C3 MAN E . 31.78 -1.88 40.25
C4 MAN E . 32.14 -3.33 40.55
C5 MAN E . 31.66 -4.25 39.43
C6 MAN E . 31.95 -5.69 39.74
O2 MAN E . 29.51 -1.53 40.89
O3 MAN E . 32.01 -1.16 41.45
O4 MAN E . 33.55 -3.44 40.67
O5 MAN E . 30.24 -4.10 39.29
O6 MAN E . 31.64 -6.47 38.59
C1 NAG F . 12.04 30.92 38.78
C2 NAG F . 12.43 31.45 37.40
C3 NAG F . 11.23 32.12 36.74
C4 NAG F . 10.03 31.19 36.72
C5 NAG F . 9.74 30.65 38.12
C6 NAG F . 8.65 29.61 38.17
C7 NAG F . 14.50 32.47 36.56
C8 NAG F . 15.58 33.47 36.83
N2 NAG F . 13.54 32.37 37.50
O3 NAG F . 11.57 32.48 35.40
O4 NAG F . 8.88 31.89 36.25
O5 NAG F . 10.93 30.03 38.65
O6 NAG F . 8.26 29.31 39.50
O7 NAG F . 14.49 31.77 35.54
C1 NAG F . 8.35 31.25 35.09
C2 NAG F . 7.03 31.93 34.72
C3 NAG F . 6.43 31.28 33.48
C4 NAG F . 7.45 31.27 32.35
C5 NAG F . 8.75 30.62 32.81
C6 NAG F . 9.85 30.69 31.78
C7 NAG F . 5.91 32.91 36.68
C8 NAG F . 4.90 32.68 37.77
N2 NAG F . 6.09 31.89 35.83
O3 NAG F . 5.27 32.00 33.09
O4 NAG F . 6.93 30.52 31.25
O5 NAG F . 9.24 31.30 33.98
O6 NAG F . 10.82 29.66 31.98
O7 NAG F . 6.53 33.96 36.57
C1 BMA F . 6.85 31.37 30.08
C2 BMA F . 6.04 30.59 29.06
C3 BMA F . 5.87 31.43 27.83
C4 BMA F . 5.27 32.80 28.17
C5 BMA F . 6.14 33.50 29.23
C6 BMA F . 5.51 34.77 29.70
O2 BMA F . 4.72 30.33 29.55
O3 BMA F . 5.08 30.77 26.86
O4 BMA F . 5.18 33.62 27.00
O5 BMA F . 6.26 32.62 30.37
O6 BMA F . 4.14 34.50 29.88
C1 MAN F . 5.94 30.43 25.76
C2 MAN F . 5.07 29.84 24.64
C3 MAN F . 4.52 28.50 25.11
C4 MAN F . 5.67 27.54 25.42
C5 MAN F . 6.56 28.15 26.53
C6 MAN F . 7.83 27.35 26.77
O2 MAN F . 5.92 29.52 23.57
O3 MAN F . 3.63 27.91 24.15
O4 MAN F . 5.16 26.31 25.87
O5 MAN F . 6.97 29.50 26.16
O6 MAN F . 8.66 28.07 27.66
C1 MAN F . 5.45 30.05 22.31
C2 MAN F . 6.54 29.64 21.31
C3 MAN F . 7.80 30.36 21.69
C4 MAN F . 7.58 31.87 21.55
C5 MAN F . 6.42 32.33 22.45
C6 MAN F . 5.98 33.75 22.12
O2 MAN F . 6.20 30.09 19.99
O3 MAN F . 8.91 29.94 20.90
O4 MAN F . 8.76 32.56 21.93
O5 MAN F . 5.24 31.47 22.32
O6 MAN F . 5.01 34.18 23.06
C1 MAN F . 5.88 28.96 19.16
C2 MAN F . 5.54 29.51 17.72
C3 MAN F . 4.10 30.02 17.65
C4 MAN F . 3.13 29.03 18.27
C5 MAN F . 3.51 28.84 19.71
C6 MAN F . 2.55 27.99 20.51
O2 MAN F . 5.65 28.48 16.75
O3 MAN F . 3.72 30.32 16.31
O4 MAN F . 1.83 29.57 18.26
O5 MAN F . 4.81 28.20 19.74
O6 MAN F . 3.27 26.94 21.14
C1 MAN F . 3.45 35.70 30.25
C2 MAN F . 2.04 35.28 30.74
C3 MAN F . 1.14 34.88 29.56
C4 MAN F . 1.18 35.95 28.48
C5 MAN F . 2.63 36.15 28.03
C6 MAN F . 2.73 37.21 26.99
O2 MAN F . 1.38 36.38 31.34
O3 MAN F . -0.22 34.68 29.99
O4 MAN F . 0.38 35.57 27.38
O5 MAN F . 3.41 36.58 29.15
O6 MAN F . 1.65 38.07 27.27
C1 MAN F . -0.70 33.39 29.55
C2 MAN F . -2.20 33.34 29.87
C3 MAN F . -2.34 33.51 31.36
C4 MAN F . -1.57 32.39 32.10
C5 MAN F . -0.10 32.35 31.64
C6 MAN F . 0.65 31.12 32.11
O2 MAN F . -2.70 32.03 29.59
O3 MAN F . -3.70 33.54 31.77
O4 MAN F . -1.62 32.63 33.49
O5 MAN F . -0.02 32.35 30.20
O6 MAN F . 2.02 31.28 31.77
C1 MAN F . -3.90 32.07 28.77
C2 MAN F . -4.41 30.62 28.69
C3 MAN F . -3.41 29.77 27.90
C4 MAN F . -3.14 30.39 26.52
C5 MAN F . -2.68 31.86 26.66
C6 MAN F . -2.57 32.58 25.33
O2 MAN F . -5.64 30.54 27.97
O3 MAN F . -3.85 28.42 27.76
O4 MAN F . -2.13 29.66 25.86
O5 MAN F . -3.64 32.60 27.48
O6 MAN F . -2.10 33.89 25.57
C1 MAN F . 1.84 39.35 26.64
C2 MAN F . 1.60 40.38 27.73
C3 MAN F . 0.17 40.13 28.26
C4 MAN F . -0.84 40.23 27.12
C5 MAN F . -0.46 39.23 26.02
C6 MAN F . -1.34 39.31 24.79
O2 MAN F . 1.58 41.69 27.17
O3 MAN F . -0.17 41.01 29.31
O4 MAN F . -2.15 39.95 27.60
O5 MAN F . 0.91 39.48 25.61
O6 MAN F . -1.23 40.61 24.25
C1 MAN F . 2.65 42.49 27.72
C2 MAN F . 2.09 43.19 28.95
C3 MAN F . 0.88 43.95 28.51
C4 MAN F . 1.30 45.00 27.48
C5 MAN F . 2.06 44.35 26.29
C6 MAN F . 2.75 45.36 25.42
O2 MAN F . 2.99 44.21 29.40
O3 MAN F . 0.21 44.55 29.61
O4 MAN F . 0.15 45.67 26.98
O5 MAN F . 3.08 43.44 26.79
O6 MAN F . 3.45 44.67 24.40
#